data_1SRQ
#
_entry.id   1SRQ
#
_cell.length_a   170.7
_cell.length_b   224.5
_cell.length_c   48.7
_cell.angle_alpha   90
_cell.angle_beta   90
_cell.angle_gamma   90
#
_symmetry.space_group_name_H-M   'P 21 21 2'
#
loop_
_entity.id
_entity.type
_entity.pdbx_description
1 polymer 'GTPase-activating protein 1'
2 non-polymer 'SULFATE ION'
3 non-polymer (4S)-2-METHYL-2,4-PENTANEDIOL
4 water water
#
_entity_poly.entity_id   1
_entity_poly.type   'polypeptide(L)'
_entity_poly.pdbx_seq_one_letter_code
;PTTKVKLECNPTARIYRKHFLGKEHFNYYSLDTALGHLVFSLKYDVIGDQEHLRLLLRTKCRTYHDVIPISCLTEFPNVV
QMAKLVCEDVNVDRFYPVLYPKASRLIVTFDEHVISNNFKFGVIYQKLGQTSEEELFSTNEESPAFVEFLEFLGQKVKLQ
DFKGFRGGLDVTHGQTGTESVYCNFRNKEIMFHVSTKLPYTEGDAQQLQRKRHIGNDIVAVVFQDENTPFVPDMIASNFL
HAYVVVQAEGGGPDGPLYKVSVTARDDVPFFGPPLPDPAVFRKGPEFQEFLLTKLINAEYACYKAEKFAKLEERTRAALL
ETLYEELHIHSQSMMGLGGDE
;
_entity_poly.pdbx_strand_id   A,B,C,D
#
loop_
_chem_comp.id
_chem_comp.type
_chem_comp.name
_chem_comp.formula
MPD non-polymer (4S)-2-METHYL-2,4-PENTANEDIOL 'C6 H14 O2'
SO4 non-polymer 'SULFATE ION' 'O4 S -2'
#
# COMPACT_ATOMS: atom_id res chain seq x y z
N LYS A 4 -15.73 -34.11 -24.24
CA LYS A 4 -14.64 -35.09 -24.52
C LYS A 4 -13.33 -34.47 -25.04
N VAL A 5 -13.04 -34.61 -26.35
CA VAL A 5 -11.74 -34.18 -26.94
C VAL A 5 -11.53 -32.70 -27.41
N LYS A 6 -10.38 -32.13 -27.10
CA LYS A 6 -10.09 -30.75 -27.50
C LYS A 6 -10.23 -30.40 -29.01
N LEU A 7 -10.80 -29.22 -29.28
CA LEU A 7 -11.00 -28.68 -30.62
C LEU A 7 -9.63 -28.28 -31.20
N GLU A 8 -9.44 -28.56 -32.47
CA GLU A 8 -8.13 -28.39 -33.13
C GLU A 8 -7.56 -27.00 -33.49
N CYS A 9 -7.58 -26.04 -32.59
CA CYS A 9 -6.93 -24.77 -32.90
C CYS A 9 -5.41 -24.89 -32.63
N ASN A 10 -4.59 -23.87 -32.87
CA ASN A 10 -3.17 -24.01 -32.55
C ASN A 10 -3.08 -24.39 -31.07
N PRO A 11 -2.49 -25.52 -30.73
CA PRO A 11 -2.38 -25.89 -29.33
C PRO A 11 -1.52 -24.95 -28.44
N THR A 12 -0.77 -23.98 -28.99
CA THR A 12 0.01 -23.06 -28.13
C THR A 12 -0.81 -21.89 -27.62
N ALA A 13 -1.95 -21.66 -28.28
CA ALA A 13 -2.85 -20.56 -27.91
C ALA A 13 -3.49 -20.76 -26.56
N ARG A 14 -3.41 -21.97 -26.01
CA ARG A 14 -3.96 -22.30 -24.71
C ARG A 14 -3.03 -22.12 -23.53
N ILE A 15 -1.81 -22.21 -23.88
CA ILE A 15 -0.83 -22.20 -22.81
C ILE A 15 -0.90 -20.98 -21.91
N TYR A 16 -0.87 -19.62 -22.36
CA TYR A 16 -0.99 -18.50 -21.44
C TYR A 16 -2.12 -18.71 -20.41
N ARG A 17 -3.28 -19.18 -20.86
CA ARG A 17 -4.48 -19.41 -20.09
C ARG A 17 -4.26 -20.57 -19.13
N LYS A 18 -3.87 -21.77 -19.59
CA LYS A 18 -3.69 -22.81 -18.58
C LYS A 18 -2.56 -22.64 -17.56
N HIS A 19 -1.43 -22.10 -18.03
CA HIS A 19 -0.25 -22.02 -17.17
C HIS A 19 0.22 -20.66 -16.61
N PHE A 20 0.12 -19.61 -17.41
CA PHE A 20 0.58 -18.28 -16.97
C PHE A 20 -0.37 -17.26 -16.31
N LEU A 21 -1.55 -17.03 -16.89
CA LEU A 21 -2.47 -15.98 -16.46
C LEU A 21 -2.92 -16.16 -15.03
N GLY A 22 -2.89 -15.12 -14.22
CA GLY A 22 -3.26 -15.32 -12.85
C GLY A 22 -2.16 -15.92 -11.99
N LYS A 23 -1.05 -16.31 -12.58
CA LYS A 23 0.05 -16.86 -11.81
C LYS A 23 1.38 -16.02 -11.94
N GLU A 24 2.30 -16.17 -10.98
CA GLU A 24 3.58 -15.43 -11.00
C GLU A 24 4.34 -15.77 -12.26
N HIS A 25 4.64 -14.75 -13.08
CA HIS A 25 5.40 -14.91 -14.30
C HIS A 25 5.94 -13.59 -14.85
N PHE A 26 6.78 -13.66 -15.89
CA PHE A 26 7.40 -12.47 -16.43
C PHE A 26 7.23 -12.42 -17.93
N ASN A 27 7.00 -11.22 -18.44
CA ASN A 27 6.97 -11.07 -19.86
C ASN A 27 8.08 -10.08 -20.18
N TYR A 28 8.67 -10.28 -21.35
CA TYR A 28 9.73 -9.41 -21.82
C TYR A 28 9.46 -9.16 -23.28
N TYR A 29 10.02 -8.08 -23.82
CA TYR A 29 9.96 -7.81 -25.27
C TYR A 29 11.41 -7.58 -25.82
N SER A 30 11.54 -7.54 -27.15
CA SER A 30 12.82 -7.28 -27.78
C SER A 30 12.58 -7.37 -29.25
N LEU A 31 13.41 -6.70 -30.01
CA LEU A 31 13.28 -6.67 -31.47
C LEU A 31 14.44 -7.41 -32.13
N ASP A 32 14.10 -8.43 -32.91
CA ASP A 32 15.09 -9.25 -33.61
C ASP A 32 15.12 -8.83 -35.08
N THR A 33 16.30 -8.55 -35.64
CA THR A 33 16.33 -8.10 -37.01
C THR A 33 15.76 -9.13 -37.97
N ALA A 34 15.93 -10.41 -37.67
CA ALA A 34 15.38 -11.46 -38.53
C ALA A 34 13.97 -11.89 -38.15
N LEU A 35 13.76 -12.17 -36.87
CA LEU A 35 12.47 -12.64 -36.38
C LEU A 35 11.41 -11.57 -36.17
N GLY A 36 11.83 -10.32 -36.10
CA GLY A 36 10.92 -9.20 -35.89
C GLY A 36 10.61 -9.00 -34.43
N HIS A 37 9.39 -8.60 -34.10
CA HIS A 37 9.02 -8.31 -32.72
C HIS A 37 8.98 -9.54 -31.83
N LEU A 38 9.66 -9.55 -30.69
CA LEU A 38 9.57 -10.71 -29.84
C LEU A 38 8.77 -10.40 -28.60
N VAL A 39 7.82 -11.27 -28.26
CA VAL A 39 7.14 -11.11 -26.99
C VAL A 39 7.33 -12.43 -26.28
N PHE A 40 7.95 -12.37 -25.12
CA PHE A 40 8.39 -13.58 -24.45
C PHE A 40 7.88 -13.74 -23.03
N SER A 41 7.26 -14.90 -22.74
CA SER A 41 6.76 -15.22 -21.38
C SER A 41 7.53 -16.37 -20.77
N LEU A 42 7.89 -16.25 -19.49
CA LEU A 42 8.63 -17.27 -18.78
C LEU A 42 8.08 -17.33 -17.37
N LYS A 43 8.13 -18.52 -16.79
CA LYS A 43 7.48 -18.75 -15.53
C LYS A 43 8.16 -19.88 -14.79
N TYR A 44 8.54 -19.59 -13.55
CA TYR A 44 9.28 -20.53 -12.73
C TYR A 44 8.29 -21.32 -11.88
N ASP A 45 8.44 -22.63 -11.96
CA ASP A 45 7.54 -23.55 -11.31
C ASP A 45 8.33 -24.52 -10.43
N VAL A 46 7.70 -24.97 -9.35
CA VAL A 46 8.31 -25.94 -8.41
C VAL A 46 7.32 -27.03 -8.06
N ILE A 47 7.79 -28.28 -8.06
CA ILE A 47 7.01 -29.47 -7.61
C ILE A 47 8.02 -30.44 -6.97
N GLY A 48 7.90 -30.68 -5.66
CA GLY A 48 8.89 -31.48 -4.95
C GLY A 48 10.14 -30.62 -4.94
N ASP A 49 11.30 -31.22 -5.19
CA ASP A 49 12.52 -30.43 -5.35
C ASP A 49 12.87 -30.29 -6.85
N GLN A 50 11.86 -30.47 -7.70
CA GLN A 50 12.04 -30.36 -9.15
C GLN A 50 11.68 -28.96 -9.67
N GLU A 51 12.69 -28.10 -9.82
CA GLU A 51 12.43 -26.78 -10.38
C GLU A 51 12.37 -26.92 -11.88
N HIS A 52 11.22 -26.56 -12.46
CA HIS A 52 11.00 -26.56 -13.91
C HIS A 52 10.93 -25.10 -14.38
N LEU A 53 10.91 -24.89 -15.68
CA LEU A 53 10.88 -23.56 -16.27
C LEU A 53 10.04 -23.67 -17.54
N ARG A 54 8.94 -22.93 -17.60
CA ARG A 54 8.06 -22.99 -18.75
C ARG A 54 8.25 -21.71 -19.54
N LEU A 55 8.51 -21.87 -20.84
CA LEU A 55 8.81 -20.74 -21.73
C LEU A 55 7.91 -20.69 -22.94
N LEU A 56 7.50 -19.47 -23.28
CA LEU A 56 6.61 -19.23 -24.39
C LEU A 56 7.07 -17.99 -25.13
N LEU A 57 7.82 -18.15 -26.21
CA LEU A 57 8.32 -17.03 -27.03
C LEU A 57 7.52 -16.83 -28.32
N ARG A 58 6.94 -15.62 -28.47
CA ARG A 58 6.15 -15.17 -29.61
C ARG A 58 6.95 -14.45 -30.71
N THR A 59 6.85 -14.95 -31.94
CA THR A 59 7.49 -14.25 -33.07
C THR A 59 6.41 -13.87 -34.11
N LYS A 60 6.79 -13.09 -35.11
CA LYS A 60 5.92 -12.75 -36.23
C LYS A 60 5.24 -13.96 -36.81
N CYS A 61 5.83 -15.13 -36.65
CA CYS A 61 5.33 -16.31 -37.33
C CYS A 61 4.76 -17.39 -36.51
N ARG A 62 5.43 -17.65 -35.40
CA ARG A 62 5.12 -18.78 -34.55
C ARG A 62 5.22 -18.31 -33.13
N THR A 63 4.63 -19.08 -32.24
CA THR A 63 4.97 -19.00 -30.84
C THR A 63 5.54 -20.38 -30.49
N TYR A 64 6.67 -20.36 -29.80
CA TYR A 64 7.34 -21.57 -29.40
C TYR A 64 7.03 -21.81 -27.95
N HIS A 65 6.99 -23.08 -27.55
CA HIS A 65 6.69 -23.47 -26.17
C HIS A 65 7.57 -24.62 -25.69
N ASP A 66 7.87 -24.68 -24.40
CA ASP A 66 8.66 -25.77 -23.85
C ASP A 66 8.72 -25.65 -22.35
N VAL A 67 8.89 -26.78 -21.68
CA VAL A 67 9.06 -26.76 -20.25
C VAL A 67 10.40 -27.44 -19.98
N ILE A 68 11.39 -26.69 -19.56
CA ILE A 68 12.69 -27.34 -19.35
C ILE A 68 13.12 -27.41 -17.91
N PRO A 69 13.53 -28.61 -17.48
CA PRO A 69 14.04 -28.83 -16.14
C PRO A 69 15.25 -27.94 -15.88
N ILE A 70 15.25 -27.32 -14.72
CA ILE A 70 16.34 -26.46 -14.30
C ILE A 70 16.88 -27.19 -13.06
N SER A 71 18.17 -27.07 -12.77
CA SER A 71 18.71 -27.80 -11.63
C SER A 71 20.01 -27.23 -11.04
N CYS A 72 19.85 -26.64 -9.84
CA CYS A 72 20.94 -26.02 -9.07
C CYS A 72 22.27 -26.78 -9.19
N LEU A 73 22.98 -26.57 -10.31
CA LEU A 73 24.29 -27.22 -10.55
C LEU A 73 25.15 -26.38 -11.50
N PHE A 76 21.59 -20.25 -12.71
CA PHE A 76 20.25 -19.89 -13.20
C PHE A 76 20.35 -18.99 -14.44
N PRO A 77 19.81 -19.47 -15.57
CA PRO A 77 19.93 -18.76 -16.84
C PRO A 77 19.33 -17.35 -16.84
N ASN A 78 19.82 -16.51 -17.75
CA ASN A 78 19.32 -15.14 -17.97
C ASN A 78 18.31 -15.12 -19.12
N VAL A 79 17.58 -14.03 -19.32
CA VAL A 79 16.46 -14.16 -20.28
C VAL A 79 16.87 -14.43 -21.71
N VAL A 80 17.93 -13.79 -22.17
CA VAL A 80 18.42 -14.00 -23.51
C VAL A 80 18.65 -15.50 -23.62
N GLN A 81 19.26 -16.09 -22.60
CA GLN A 81 19.61 -17.50 -22.67
C GLN A 81 18.42 -18.42 -22.68
N MET A 82 17.38 -18.08 -21.92
CA MET A 82 16.14 -18.87 -21.88
C MET A 82 15.47 -18.83 -23.26
N ALA A 83 15.40 -17.64 -23.84
CA ALA A 83 14.89 -17.42 -25.17
C ALA A 83 15.52 -18.40 -26.17
N LYS A 84 16.85 -18.51 -26.09
CA LYS A 84 17.59 -19.37 -27.00
C LYS A 84 17.27 -20.85 -26.76
N LEU A 85 16.71 -21.14 -25.60
CA LEU A 85 16.38 -22.51 -25.25
C LEU A 85 15.09 -22.96 -25.90
N VAL A 86 14.27 -21.99 -26.27
CA VAL A 86 12.98 -22.29 -26.87
C VAL A 86 12.94 -21.88 -28.35
N CYS A 87 13.72 -20.87 -28.71
CA CYS A 87 13.81 -20.54 -30.13
C CYS A 87 15.29 -20.37 -30.53
N GLU A 88 15.90 -21.41 -31.04
CA GLU A 88 17.35 -21.33 -31.33
C GLU A 88 17.89 -20.06 -32.10
N ASP A 89 17.12 -19.55 -33.08
CA ASP A 89 17.43 -18.40 -33.94
C ASP A 89 17.45 -17.03 -33.27
N VAL A 90 16.81 -16.89 -32.11
CA VAL A 90 16.79 -15.61 -31.43
C VAL A 90 18.24 -15.18 -31.27
N ASN A 91 18.50 -13.89 -31.48
CA ASN A 91 19.86 -13.37 -31.38
C ASN A 91 19.70 -11.88 -31.16
N VAL A 92 19.76 -11.50 -29.90
CA VAL A 92 19.40 -10.17 -29.46
C VAL A 92 20.24 -9.82 -28.23
N ASP A 93 20.73 -8.59 -28.11
CA ASP A 93 21.63 -8.23 -26.99
C ASP A 93 20.91 -8.33 -25.65
N ARG A 94 19.66 -7.89 -25.60
CA ARG A 94 18.91 -7.96 -24.35
C ARG A 94 17.42 -7.98 -24.59
N PHE A 95 16.70 -8.31 -23.54
CA PHE A 95 15.26 -8.31 -23.54
C PHE A 95 14.85 -7.19 -22.59
N TYR A 96 13.61 -6.76 -22.64
CA TYR A 96 13.21 -5.70 -21.74
C TYR A 96 11.98 -6.16 -21.02
N PRO A 97 11.97 -5.94 -19.70
CA PRO A 97 10.85 -6.33 -18.83
C PRO A 97 9.58 -5.54 -19.11
N VAL A 98 8.45 -6.27 -19.15
CA VAL A 98 7.15 -5.70 -19.35
C VAL A 98 6.71 -5.28 -17.97
N LEU A 99 6.60 -3.98 -17.72
CA LEU A 99 6.27 -3.56 -16.37
C LEU A 99 4.84 -3.09 -16.23
N TYR A 100 4.12 -3.11 -17.33
CA TYR A 100 2.74 -2.66 -17.38
C TYR A 100 1.74 -3.66 -16.76
N PRO A 101 1.18 -3.30 -15.61
CA PRO A 101 0.22 -4.18 -14.92
C PRO A 101 -0.95 -4.76 -15.75
N LYS A 102 -1.22 -4.32 -16.98
CA LYS A 102 -2.28 -4.99 -17.79
C LYS A 102 -1.73 -5.86 -18.96
N ALA A 103 -0.42 -5.85 -19.20
CA ALA A 103 0.15 -6.68 -20.24
C ALA A 103 -0.48 -8.06 -20.33
N SER A 104 -0.54 -8.80 -19.23
CA SER A 104 -1.07 -10.18 -19.27
C SER A 104 -2.46 -10.28 -19.87
N ARG A 105 -3.27 -9.24 -19.75
CA ARG A 105 -4.58 -9.30 -20.39
C ARG A 105 -4.49 -8.98 -21.89
N LEU A 106 -3.59 -8.08 -22.26
CA LEU A 106 -3.38 -7.81 -23.66
C LEU A 106 -2.83 -9.11 -24.24
N ILE A 107 -1.85 -9.68 -23.56
CA ILE A 107 -1.15 -10.83 -24.07
C ILE A 107 -2.04 -12.05 -24.32
N VAL A 108 -2.81 -12.45 -23.33
CA VAL A 108 -3.66 -13.61 -23.53
C VAL A 108 -4.58 -13.37 -24.78
N THR A 109 -5.18 -12.19 -24.88
CA THR A 109 -6.00 -11.90 -26.03
C THR A 109 -5.20 -12.15 -27.30
N PHE A 110 -4.00 -11.59 -27.43
CA PHE A 110 -3.21 -11.89 -28.62
C PHE A 110 -3.09 -13.42 -28.88
N ASP A 111 -2.60 -14.14 -27.87
CA ASP A 111 -2.46 -15.58 -27.94
C ASP A 111 -3.69 -16.28 -28.45
N GLU A 112 -4.85 -15.81 -28.01
CA GLU A 112 -6.08 -16.51 -28.32
C GLU A 112 -6.80 -15.98 -29.57
N HIS A 113 -6.19 -15.00 -30.23
CA HIS A 113 -6.82 -14.40 -31.39
C HIS A 113 -7.11 -15.43 -32.46
N VAL A 114 -6.54 -16.61 -32.30
CA VAL A 114 -6.73 -17.67 -33.29
C VAL A 114 -7.71 -18.76 -32.89
N ILE A 115 -8.31 -18.64 -31.72
CA ILE A 115 -9.36 -19.58 -31.31
C ILE A 115 -10.61 -18.82 -31.69
N SER A 116 -11.47 -19.41 -32.47
CA SER A 116 -12.67 -18.68 -32.83
C SER A 116 -13.87 -19.20 -32.06
N ASN A 117 -14.75 -18.28 -31.64
CA ASN A 117 -15.98 -18.63 -30.96
C ASN A 117 -17.29 -18.72 -31.79
N ASN A 118 -17.30 -18.19 -33.02
CA ASN A 118 -18.47 -18.21 -33.88
C ASN A 118 -18.20 -19.04 -35.12
N PHE A 119 -19.17 -19.82 -35.57
CA PHE A 119 -18.95 -20.60 -36.75
C PHE A 119 -20.19 -20.50 -37.57
N LYS A 120 -20.03 -20.50 -38.89
CA LYS A 120 -21.19 -20.53 -39.73
C LYS A 120 -20.90 -21.54 -40.81
N PHE A 121 -21.72 -22.61 -40.88
CA PHE A 121 -21.56 -23.65 -41.89
C PHE A 121 -22.80 -23.76 -42.71
N GLY A 122 -22.61 -24.11 -43.97
CA GLY A 122 -23.76 -24.29 -44.83
C GLY A 122 -24.26 -25.72 -44.88
N VAL A 123 -25.52 -25.86 -45.25
CA VAL A 123 -26.10 -27.17 -45.36
C VAL A 123 -26.78 -27.24 -46.69
N ILE A 124 -26.27 -28.10 -47.54
CA ILE A 124 -26.88 -28.27 -48.84
C ILE A 124 -27.59 -29.65 -48.93
N TYR A 125 -28.77 -29.71 -49.52
CA TYR A 125 -29.38 -31.02 -49.74
C TYR A 125 -29.17 -31.43 -51.21
N GLN A 126 -28.57 -32.61 -51.42
CA GLN A 126 -28.37 -33.19 -52.76
C GLN A 126 -29.42 -34.22 -53.22
N LYS A 127 -30.22 -33.87 -54.23
CA LYS A 127 -31.17 -34.79 -54.90
C LYS A 127 -30.38 -35.95 -55.52
N LEU A 128 -31.03 -37.07 -55.80
CA LEU A 128 -30.35 -38.23 -56.40
C LEU A 128 -29.47 -37.91 -57.60
N GLY A 129 -30.04 -37.31 -58.64
CA GLY A 129 -29.24 -36.99 -59.81
C GLY A 129 -28.27 -35.80 -59.77
N GLN A 130 -28.58 -34.80 -58.93
CA GLN A 130 -27.86 -33.54 -58.87
C GLN A 130 -26.34 -33.57 -59.05
N THR A 131 -25.85 -32.83 -60.03
CA THR A 131 -24.42 -32.66 -60.21
C THR A 131 -24.08 -31.22 -60.52
N SER A 132 -25.03 -30.31 -60.42
CA SER A 132 -24.73 -28.90 -60.68
C SER A 132 -25.19 -27.93 -59.61
N GLU A 133 -24.45 -26.84 -59.42
CA GLU A 133 -24.85 -25.78 -58.48
C GLU A 133 -26.32 -25.49 -58.73
N GLU A 134 -26.71 -25.40 -59.99
CA GLU A 134 -28.09 -25.14 -60.35
C GLU A 134 -29.00 -26.13 -59.60
N GLU A 135 -28.79 -27.43 -59.80
CA GLU A 135 -29.58 -28.48 -59.11
C GLU A 135 -29.32 -28.50 -57.62
N LEU A 136 -28.09 -28.21 -57.23
CA LEU A 136 -27.71 -28.24 -55.83
C LEU A 136 -28.36 -27.19 -54.94
N PHE A 137 -28.88 -26.11 -55.51
CA PHE A 137 -29.46 -25.03 -54.69
C PHE A 137 -30.91 -24.82 -54.96
N SER A 138 -31.35 -25.31 -56.10
CA SER A 138 -32.74 -25.15 -56.44
C SER A 138 -33.41 -26.36 -55.87
N THR A 139 -33.88 -26.24 -54.63
CA THR A 139 -34.54 -27.35 -53.98
C THR A 139 -35.47 -26.70 -53.00
N ASN A 140 -36.74 -27.06 -53.08
CA ASN A 140 -37.68 -26.44 -52.21
C ASN A 140 -38.23 -27.33 -51.12
N GLU A 141 -38.80 -28.47 -51.51
CA GLU A 141 -39.36 -29.43 -50.55
C GLU A 141 -38.25 -29.91 -49.58
N GLU A 142 -38.58 -30.06 -48.30
CA GLU A 142 -37.65 -30.60 -47.32
C GLU A 142 -38.08 -32.03 -47.02
N SER A 143 -37.16 -32.97 -47.26
CA SER A 143 -37.35 -34.40 -47.04
C SER A 143 -37.65 -34.76 -45.58
N PRO A 144 -38.41 -35.83 -45.33
CA PRO A 144 -38.64 -36.26 -43.96
C PRO A 144 -37.27 -36.49 -43.31
N ALA A 145 -36.43 -37.31 -43.97
CA ALA A 145 -35.06 -37.62 -43.56
C ALA A 145 -34.28 -36.35 -43.29
N PHE A 146 -34.41 -35.39 -44.22
CA PHE A 146 -33.80 -34.06 -44.08
C PHE A 146 -34.31 -33.29 -42.84
N VAL A 147 -35.61 -33.29 -42.58
CA VAL A 147 -36.12 -32.61 -41.37
C VAL A 147 -35.51 -33.27 -40.13
N GLU A 148 -35.63 -34.60 -40.09
CA GLU A 148 -35.14 -35.38 -38.96
C GLU A 148 -33.66 -35.13 -38.71
N PHE A 149 -32.87 -34.98 -39.77
CA PHE A 149 -31.44 -34.67 -39.64
C PHE A 149 -31.22 -33.26 -39.08
N LEU A 150 -32.04 -32.32 -39.54
CA LEU A 150 -31.93 -30.91 -39.16
C LEU A 150 -32.27 -30.75 -37.66
N GLU A 151 -33.33 -31.42 -37.24
CA GLU A 151 -33.71 -31.40 -35.84
C GLU A 151 -32.48 -31.85 -35.02
N PHE A 152 -31.71 -32.74 -35.63
CA PHE A 152 -30.53 -33.32 -35.00
C PHE A 152 -29.32 -32.37 -34.99
N LEU A 153 -29.15 -31.59 -36.04
CA LEU A 153 -27.98 -30.70 -36.09
C LEU A 153 -28.04 -29.69 -34.95
N GLY A 154 -29.17 -28.99 -34.88
CA GLY A 154 -29.32 -27.91 -33.95
C GLY A 154 -30.78 -27.62 -33.80
N GLN A 155 -31.08 -26.45 -33.25
CA GLN A 155 -32.42 -26.03 -32.96
C GLN A 155 -32.87 -25.13 -34.08
N LYS A 156 -34.16 -25.17 -34.42
CA LYS A 156 -34.68 -24.26 -35.42
C LYS A 156 -34.85 -22.96 -34.68
N VAL A 157 -34.44 -21.85 -35.28
CA VAL A 157 -34.69 -20.54 -34.68
C VAL A 157 -35.30 -19.59 -35.69
N LYS A 158 -36.20 -18.72 -35.20
CA LYS A 158 -36.73 -17.65 -36.03
C LYS A 158 -35.64 -16.59 -36.17
N LEU A 159 -35.52 -15.92 -37.30
CA LEU A 159 -34.45 -14.92 -37.39
C LEU A 159 -34.92 -13.57 -36.88
N GLN A 160 -36.22 -13.32 -36.97
CA GLN A 160 -36.77 -12.01 -36.65
C GLN A 160 -36.15 -11.25 -35.47
N ASP A 161 -36.23 -11.75 -34.25
CA ASP A 161 -35.48 -11.01 -33.24
C ASP A 161 -34.53 -11.98 -32.54
N PHE A 162 -33.56 -12.46 -33.30
CA PHE A 162 -32.69 -13.50 -32.81
C PHE A 162 -31.43 -12.87 -32.24
N LYS A 163 -31.20 -13.05 -30.95
CA LYS A 163 -30.04 -12.40 -30.36
C LYS A 163 -28.73 -13.16 -30.48
N GLY A 164 -28.76 -14.40 -30.97
CA GLY A 164 -27.53 -15.16 -31.12
C GLY A 164 -26.69 -14.73 -32.31
N PHE A 165 -25.62 -15.45 -32.54
CA PHE A 165 -24.75 -15.18 -33.68
C PHE A 165 -25.52 -15.36 -35.00
N ARG A 166 -25.58 -14.33 -35.85
CA ARG A 166 -26.44 -14.49 -37.04
C ARG A 166 -25.80 -15.06 -38.28
N GLY A 167 -24.49 -15.17 -38.27
CA GLY A 167 -23.75 -15.63 -39.42
C GLY A 167 -24.15 -14.98 -40.73
N GLY A 168 -24.40 -13.67 -40.68
CA GLY A 168 -24.80 -12.89 -41.83
C GLY A 168 -26.27 -12.91 -42.23
N LEU A 169 -27.09 -13.65 -41.51
CA LEU A 169 -28.49 -13.69 -41.92
C LEU A 169 -29.21 -12.41 -41.51
N ASP A 170 -30.34 -12.11 -42.15
CA ASP A 170 -31.09 -10.89 -41.85
C ASP A 170 -31.82 -11.08 -40.54
N VAL A 171 -31.44 -10.28 -39.55
CA VAL A 171 -32.04 -10.47 -38.24
C VAL A 171 -33.18 -9.49 -37.96
N THR A 172 -33.46 -8.61 -38.92
CA THR A 172 -34.42 -7.53 -38.69
C THR A 172 -35.33 -7.12 -39.86
N HIS A 173 -35.24 -7.77 -41.03
CA HIS A 173 -36.14 -7.41 -42.13
C HIS A 173 -36.68 -8.62 -42.91
N GLY A 174 -36.36 -9.84 -42.45
CA GLY A 174 -36.81 -11.08 -43.09
C GLY A 174 -36.29 -11.35 -44.51
N GLN A 175 -35.18 -10.71 -44.86
CA GLN A 175 -34.76 -10.80 -46.24
C GLN A 175 -33.83 -11.99 -46.59
N THR A 176 -33.56 -12.86 -45.61
CA THR A 176 -32.76 -14.08 -45.82
C THR A 176 -33.45 -15.27 -45.13
N GLY A 177 -34.76 -15.40 -45.36
CA GLY A 177 -35.54 -16.51 -44.84
C GLY A 177 -36.16 -16.12 -43.53
N THR A 178 -37.09 -16.93 -43.05
CA THR A 178 -37.79 -16.60 -41.80
C THR A 178 -37.28 -17.40 -40.59
N GLU A 179 -36.38 -18.35 -40.87
CA GLU A 179 -35.81 -19.24 -39.86
C GLU A 179 -34.49 -19.88 -40.29
N SER A 180 -33.85 -20.61 -39.39
CA SER A 180 -32.60 -21.27 -39.68
C SER A 180 -32.40 -22.32 -38.62
N VAL A 181 -31.34 -23.12 -38.77
CA VAL A 181 -30.94 -23.96 -37.64
C VAL A 181 -29.64 -23.43 -37.04
N TYR A 182 -29.55 -23.51 -35.72
CA TYR A 182 -28.44 -22.91 -34.98
C TYR A 182 -28.23 -23.58 -33.64
N CYS A 183 -27.03 -23.51 -33.11
CA CYS A 183 -26.82 -24.12 -31.81
C CYS A 183 -25.59 -23.67 -31.08
N ASN A 184 -25.65 -23.82 -29.76
CA ASN A 184 -24.55 -23.51 -28.87
C ASN A 184 -23.80 -24.79 -28.76
N PHE A 185 -22.50 -24.74 -28.99
CA PHE A 185 -21.75 -25.97 -28.92
C PHE A 185 -20.95 -26.04 -27.66
N ARG A 186 -19.63 -26.04 -27.69
CA ARG A 186 -18.99 -26.18 -26.38
C ARG A 186 -19.29 -24.86 -25.80
N ASN A 187 -18.45 -23.88 -26.10
CA ASN A 187 -18.84 -22.57 -25.67
C ASN A 187 -18.93 -21.71 -26.93
N LYS A 188 -19.05 -22.39 -28.06
CA LYS A 188 -19.16 -21.76 -29.36
C LYS A 188 -20.61 -21.55 -29.77
N GLU A 189 -20.80 -20.71 -30.78
CA GLU A 189 -22.09 -20.41 -31.35
C GLU A 189 -21.97 -20.85 -32.82
N ILE A 190 -22.89 -21.72 -33.27
CA ILE A 190 -22.89 -22.19 -34.65
C ILE A 190 -24.21 -21.85 -35.34
N MET A 191 -24.14 -21.09 -36.43
CA MET A 191 -25.32 -20.73 -37.21
C MET A 191 -25.25 -21.52 -38.49
N PHE A 192 -26.35 -22.14 -38.84
CA PHE A 192 -26.28 -22.90 -40.07
C PHE A 192 -26.90 -22.13 -41.20
N HIS A 193 -26.46 -22.40 -42.43
CA HIS A 193 -27.04 -21.76 -43.60
C HIS A 193 -27.76 -22.84 -44.35
N VAL A 194 -29.03 -23.06 -44.07
CA VAL A 194 -29.69 -24.19 -44.67
C VAL A 194 -30.26 -23.79 -46.01
N SER A 195 -29.72 -24.39 -47.05
CA SER A 195 -30.18 -24.04 -48.39
C SER A 195 -31.71 -23.92 -48.53
N THR A 196 -32.46 -24.90 -48.06
CA THR A 196 -33.92 -24.88 -48.24
C THR A 196 -34.64 -23.84 -47.39
N LYS A 197 -33.96 -23.32 -46.38
CA LYS A 197 -34.56 -22.34 -45.50
C LYS A 197 -34.32 -20.93 -46.00
N LEU A 198 -33.33 -20.73 -46.87
CA LEU A 198 -33.07 -19.43 -47.48
C LEU A 198 -33.93 -19.26 -48.73
N PRO A 199 -34.20 -18.02 -49.12
CA PRO A 199 -35.14 -17.74 -50.22
C PRO A 199 -34.80 -18.34 -51.58
N TYR A 200 -35.86 -18.78 -52.25
CA TYR A 200 -35.87 -19.32 -53.58
C TYR A 200 -36.21 -18.17 -54.50
N THR A 201 -35.71 -18.19 -55.73
CA THR A 201 -35.95 -17.08 -56.66
C THR A 201 -36.44 -17.61 -57.99
N GLU A 202 -37.59 -17.09 -58.46
CA GLU A 202 -38.19 -17.46 -59.76
C GLU A 202 -37.24 -16.93 -60.81
N GLY A 203 -36.77 -17.77 -61.71
CA GLY A 203 -35.92 -17.31 -62.81
C GLY A 203 -34.44 -17.07 -62.57
N ASP A 204 -33.97 -17.37 -61.36
CA ASP A 204 -32.57 -17.24 -61.02
C ASP A 204 -32.03 -18.63 -60.71
N ALA A 205 -31.86 -19.43 -61.76
CA ALA A 205 -31.38 -20.82 -61.64
C ALA A 205 -30.20 -20.99 -60.71
N GLN A 206 -29.28 -20.03 -60.76
CA GLN A 206 -28.03 -20.10 -60.03
C GLN A 206 -28.21 -19.67 -58.58
N GLN A 207 -29.44 -19.27 -58.25
CA GLN A 207 -29.93 -18.98 -56.89
C GLN A 207 -29.02 -18.14 -56.00
N LEU A 208 -28.85 -16.87 -56.36
CA LEU A 208 -27.87 -16.06 -55.64
C LEU A 208 -28.16 -15.91 -54.18
N GLN A 209 -29.41 -15.60 -53.86
CA GLN A 209 -29.91 -15.48 -52.48
C GLN A 209 -29.55 -16.66 -51.57
N ARG A 210 -29.22 -17.84 -52.13
CA ARG A 210 -28.71 -18.96 -51.33
C ARG A 210 -27.17 -19.02 -51.40
N LYS A 211 -26.63 -18.95 -52.60
CA LYS A 211 -25.18 -18.94 -52.74
C LYS A 211 -24.46 -17.83 -52.00
N ARG A 212 -25.05 -16.64 -51.83
CA ARG A 212 -24.26 -15.56 -51.19
C ARG A 212 -23.85 -15.85 -49.72
N HIS A 213 -24.56 -16.81 -49.12
CA HIS A 213 -24.29 -17.28 -47.80
C HIS A 213 -23.47 -18.57 -47.90
N ILE A 214 -24.07 -19.64 -48.41
CA ILE A 214 -23.34 -20.90 -48.44
C ILE A 214 -22.02 -20.83 -49.22
N GLY A 215 -21.91 -19.86 -50.14
CA GLY A 215 -20.73 -19.76 -50.98
C GLY A 215 -19.61 -19.02 -50.26
N ASN A 216 -20.02 -18.27 -49.23
CA ASN A 216 -19.07 -17.53 -48.39
C ASN A 216 -18.73 -18.28 -47.12
N ASP A 217 -19.20 -19.51 -46.99
CA ASP A 217 -18.81 -20.33 -45.85
C ASP A 217 -17.51 -21.09 -46.25
N ILE A 218 -16.81 -21.66 -45.25
CA ILE A 218 -15.61 -22.43 -45.51
C ILE A 218 -15.96 -23.91 -45.51
N VAL A 219 -16.86 -24.30 -44.64
CA VAL A 219 -17.18 -25.71 -44.52
C VAL A 219 -18.70 -25.96 -44.65
N ALA A 220 -19.11 -27.01 -45.34
CA ALA A 220 -20.53 -27.27 -45.35
C ALA A 220 -20.78 -28.73 -45.22
N VAL A 221 -21.98 -29.03 -44.78
CA VAL A 221 -22.51 -30.38 -44.70
C VAL A 221 -23.33 -30.55 -46.00
N VAL A 222 -23.22 -31.71 -46.64
CA VAL A 222 -24.06 -32.04 -47.80
C VAL A 222 -24.96 -33.17 -47.33
N PHE A 223 -26.27 -32.95 -47.23
CA PHE A 223 -27.13 -34.05 -46.84
C PHE A 223 -27.73 -34.70 -48.05
N GLN A 224 -27.77 -36.03 -48.01
CA GLN A 224 -28.28 -36.84 -49.10
C GLN A 224 -29.34 -37.78 -48.59
N ASP A 225 -30.29 -38.08 -49.45
CA ASP A 225 -31.27 -39.09 -49.14
C ASP A 225 -30.79 -40.38 -49.77
N GLU A 226 -30.06 -40.24 -50.88
CA GLU A 226 -29.48 -41.38 -51.58
C GLU A 226 -28.02 -41.12 -51.92
N ASN A 227 -27.23 -42.18 -51.94
CA ASN A 227 -25.82 -42.09 -52.28
C ASN A 227 -25.65 -41.62 -53.73
N THR A 228 -24.94 -40.50 -53.86
CA THR A 228 -24.65 -39.82 -55.12
C THR A 228 -23.26 -39.21 -54.98
N PRO A 229 -22.55 -39.11 -56.10
CA PRO A 229 -21.21 -38.53 -56.10
C PRO A 229 -21.31 -37.05 -55.81
N PHE A 230 -20.28 -36.53 -55.18
CA PHE A 230 -20.17 -35.11 -54.85
C PHE A 230 -18.70 -34.77 -54.59
N VAL A 231 -18.15 -33.90 -55.43
CA VAL A 231 -16.77 -33.48 -55.29
C VAL A 231 -16.85 -31.98 -55.09
N PRO A 232 -15.82 -31.33 -54.57
CA PRO A 232 -15.86 -29.89 -54.41
C PRO A 232 -15.92 -29.20 -55.77
N ASP A 233 -15.38 -29.82 -56.79
CA ASP A 233 -15.48 -29.22 -58.12
C ASP A 233 -16.94 -28.96 -58.58
N MET A 234 -17.91 -29.38 -57.79
CA MET A 234 -19.31 -29.12 -58.16
C MET A 234 -19.77 -27.70 -57.88
N ILE A 235 -19.15 -26.98 -56.93
CA ILE A 235 -19.60 -25.62 -56.55
C ILE A 235 -18.49 -24.61 -56.70
N ALA A 236 -18.73 -23.53 -57.44
CA ALA A 236 -17.75 -22.46 -57.66
C ALA A 236 -17.74 -21.48 -56.48
N SER A 237 -16.75 -21.60 -55.61
CA SER A 237 -16.73 -20.74 -54.45
C SER A 237 -15.32 -20.33 -54.08
N ASN A 238 -15.18 -19.08 -53.61
CA ASN A 238 -13.85 -18.66 -53.16
C ASN A 238 -13.59 -19.16 -51.75
N PHE A 239 -14.61 -19.60 -51.05
CA PHE A 239 -14.43 -19.91 -49.65
C PHE A 239 -14.58 -21.38 -49.32
N LEU A 240 -15.60 -22.04 -49.86
CA LEU A 240 -15.85 -23.46 -49.60
C LEU A 240 -14.57 -24.34 -49.77
N HIS A 241 -14.19 -25.01 -48.69
CA HIS A 241 -13.00 -25.81 -48.76
C HIS A 241 -13.13 -27.26 -48.34
N ALA A 242 -13.95 -27.54 -47.37
CA ALA A 242 -14.13 -28.91 -46.94
C ALA A 242 -15.61 -29.21 -46.82
N TYR A 243 -15.98 -30.45 -47.13
CA TYR A 243 -17.39 -30.89 -47.09
C TYR A 243 -17.59 -32.15 -46.28
N VAL A 244 -18.70 -32.21 -45.55
CA VAL A 244 -19.03 -33.42 -44.82
C VAL A 244 -20.34 -33.94 -45.36
N VAL A 245 -20.29 -35.09 -46.00
CA VAL A 245 -21.43 -35.67 -46.66
C VAL A 245 -22.10 -36.63 -45.72
N VAL A 246 -23.41 -36.53 -45.57
CA VAL A 246 -24.16 -37.40 -44.67
C VAL A 246 -25.33 -37.98 -45.42
N GLN A 247 -25.32 -39.30 -45.55
CA GLN A 247 -26.37 -40.00 -46.29
C GLN A 247 -27.22 -40.91 -45.40
N ALA A 248 -28.52 -40.75 -45.52
CA ALA A 248 -29.43 -41.48 -44.66
C ALA A 248 -29.97 -42.77 -45.23
N GLU A 249 -29.26 -43.87 -45.00
CA GLU A 249 -29.76 -45.17 -45.40
C GLU A 249 -30.87 -45.50 -44.40
N GLY A 250 -32.11 -45.47 -44.90
CA GLY A 250 -33.29 -45.72 -44.10
C GLY A 250 -33.43 -47.16 -43.63
N GLY A 251 -33.34 -48.11 -44.57
CA GLY A 251 -33.45 -49.53 -44.27
C GLY A 251 -34.52 -49.92 -43.25
N PRO A 256 -31.79 -46.94 -39.86
CA PRO A 256 -31.68 -45.47 -39.72
C PRO A 256 -30.22 -45.01 -39.48
N LEU A 257 -29.30 -45.51 -40.32
CA LEU A 257 -27.89 -45.19 -40.20
C LEU A 257 -27.55 -44.07 -41.14
N TYR A 258 -26.73 -43.15 -40.66
CA TYR A 258 -26.20 -42.10 -41.47
C TYR A 258 -24.84 -42.58 -41.94
N LYS A 259 -24.65 -42.62 -43.26
CA LYS A 259 -23.36 -43.01 -43.84
C LYS A 259 -22.60 -41.71 -44.07
N VAL A 260 -21.37 -41.63 -43.53
CA VAL A 260 -20.62 -40.37 -43.52
C VAL A 260 -19.26 -40.37 -44.20
N SER A 261 -18.99 -39.32 -44.98
CA SER A 261 -17.75 -39.16 -45.73
C SER A 261 -17.30 -37.72 -45.76
N VAL A 262 -16.05 -37.50 -46.14
CA VAL A 262 -15.45 -36.17 -46.16
C VAL A 262 -14.75 -35.85 -47.48
N THR A 263 -15.00 -34.71 -48.08
CA THR A 263 -14.19 -34.28 -49.24
C THR A 263 -13.77 -32.87 -48.97
N ALA A 264 -12.56 -32.54 -49.40
CA ALA A 264 -12.05 -31.21 -49.23
C ALA A 264 -10.93 -31.11 -50.21
N ARG A 265 -10.68 -29.93 -50.73
CA ARG A 265 -9.59 -29.73 -51.64
C ARG A 265 -8.20 -30.23 -51.14
N ASP A 266 -7.32 -30.55 -52.10
CA ASP A 266 -5.97 -31.07 -51.87
C ASP A 266 -5.22 -30.17 -50.91
N ASP A 267 -5.44 -28.89 -51.09
CA ASP A 267 -4.96 -27.81 -50.25
C ASP A 267 -5.08 -28.07 -48.71
N VAL A 268 -6.26 -28.53 -48.23
CA VAL A 268 -6.53 -28.70 -46.81
C VAL A 268 -6.05 -30.01 -46.17
N PRO A 269 -5.24 -29.90 -45.10
CA PRO A 269 -4.65 -31.04 -44.38
C PRO A 269 -5.64 -31.86 -43.61
N PHE A 270 -5.20 -32.93 -42.95
CA PHE A 270 -6.14 -33.79 -42.25
C PHE A 270 -6.80 -33.18 -40.96
N PHE A 271 -8.07 -33.45 -40.80
CA PHE A 271 -8.72 -32.90 -39.62
C PHE A 271 -9.65 -33.81 -38.86
N GLY A 272 -9.98 -33.30 -37.68
CA GLY A 272 -11.15 -33.70 -36.89
C GLY A 272 -11.02 -35.05 -36.31
N PRO A 273 -12.06 -35.52 -35.66
CA PRO A 273 -12.04 -36.87 -35.10
C PRO A 273 -11.95 -37.80 -36.29
N PRO A 274 -11.13 -38.84 -36.15
CA PRO A 274 -10.98 -39.85 -37.20
C PRO A 274 -12.31 -40.54 -37.47
N LEU A 275 -12.64 -40.74 -38.75
CA LEU A 275 -13.86 -41.45 -39.09
C LEU A 275 -13.74 -42.88 -38.62
N PRO A 276 -14.83 -43.42 -38.06
CA PRO A 276 -14.87 -44.81 -37.62
C PRO A 276 -14.72 -45.72 -38.82
N ASP A 277 -14.31 -46.92 -38.48
CA ASP A 277 -13.79 -47.93 -39.38
C ASP A 277 -14.77 -48.61 -40.32
N PRO A 278 -15.95 -48.98 -39.80
CA PRO A 278 -17.10 -49.24 -40.67
C PRO A 278 -17.89 -47.92 -40.95
N ALA A 279 -17.38 -46.75 -40.53
CA ALA A 279 -17.85 -45.40 -40.99
C ALA A 279 -19.33 -45.01 -41.13
N VAL A 280 -20.12 -45.48 -40.19
CA VAL A 280 -21.55 -45.23 -40.19
C VAL A 280 -21.98 -44.83 -38.77
N PHE A 281 -22.95 -43.94 -38.66
CA PHE A 281 -23.40 -43.54 -37.34
C PHE A 281 -24.91 -43.71 -37.18
N ARG A 282 -25.34 -43.74 -35.93
CA ARG A 282 -26.75 -43.80 -35.62
C ARG A 282 -27.09 -42.47 -35.00
N LYS A 283 -28.34 -42.06 -35.17
CA LYS A 283 -28.82 -40.79 -34.66
C LYS A 283 -28.72 -40.78 -33.12
N GLY A 284 -27.98 -39.83 -32.57
CA GLY A 284 -27.77 -39.72 -31.15
C GLY A 284 -26.66 -38.74 -30.75
N PRO A 285 -26.39 -38.62 -29.45
CA PRO A 285 -25.35 -37.71 -28.94
C PRO A 285 -23.99 -37.99 -29.53
N GLU A 286 -23.54 -39.25 -29.54
CA GLU A 286 -22.25 -39.60 -30.16
C GLU A 286 -22.11 -38.89 -31.51
N PHE A 287 -23.13 -39.01 -32.36
CA PHE A 287 -23.08 -38.40 -33.67
C PHE A 287 -23.10 -36.87 -33.59
N GLN A 288 -23.93 -36.30 -32.73
CA GLN A 288 -23.97 -34.85 -32.58
C GLN A 288 -22.54 -34.36 -32.31
N GLU A 289 -21.89 -34.98 -31.33
CA GLU A 289 -20.55 -34.62 -30.92
C GLU A 289 -19.56 -34.78 -32.06
N PHE A 290 -19.59 -35.96 -32.67
CA PHE A 290 -18.69 -36.21 -33.76
C PHE A 290 -18.81 -35.12 -34.86
N LEU A 291 -19.99 -35.01 -35.45
CA LEU A 291 -20.26 -34.10 -36.54
C LEU A 291 -19.88 -32.65 -36.27
N LEU A 292 -20.34 -32.11 -35.14
CA LEU A 292 -20.07 -30.70 -34.83
C LEU A 292 -18.56 -30.44 -34.66
N THR A 293 -17.86 -31.25 -33.85
CA THR A 293 -16.41 -31.08 -33.74
C THR A 293 -15.72 -31.27 -35.13
N LYS A 294 -16.18 -32.25 -35.91
CA LYS A 294 -15.65 -32.46 -37.21
C LYS A 294 -15.82 -31.21 -38.07
N LEU A 295 -16.96 -30.54 -38.01
CA LEU A 295 -17.11 -29.31 -38.80
C LEU A 295 -16.11 -28.21 -38.36
N ILE A 296 -15.98 -28.02 -37.05
CA ILE A 296 -15.06 -27.01 -36.53
C ILE A 296 -13.65 -27.40 -36.90
N ASN A 297 -13.33 -28.67 -36.78
CA ASN A 297 -11.97 -29.09 -37.15
C ASN A 297 -11.65 -28.87 -38.67
N ALA A 298 -12.62 -29.19 -39.51
CA ALA A 298 -12.50 -28.93 -40.94
C ALA A 298 -12.19 -27.44 -41.15
N GLU A 299 -12.83 -26.55 -40.39
CA GLU A 299 -12.61 -25.15 -40.64
C GLU A 299 -11.24 -24.73 -40.22
N TYR A 300 -10.78 -25.24 -39.10
CA TYR A 300 -9.43 -24.89 -38.64
C TYR A 300 -8.38 -25.46 -39.58
N ALA A 301 -8.71 -26.58 -40.23
CA ALA A 301 -7.81 -27.20 -41.20
C ALA A 301 -7.75 -26.39 -42.51
N CYS A 302 -8.91 -25.85 -42.89
CA CYS A 302 -9.04 -25.09 -44.11
C CYS A 302 -8.22 -23.81 -44.07
N TYR A 303 -8.17 -23.21 -42.91
CA TYR A 303 -7.33 -22.03 -42.69
C TYR A 303 -5.83 -22.24 -42.97
N LYS A 304 -5.43 -23.47 -43.23
CA LYS A 304 -4.03 -23.72 -43.57
C LYS A 304 -3.78 -23.65 -45.06
N ALA A 305 -4.86 -23.60 -45.83
CA ALA A 305 -4.75 -23.66 -47.29
C ALA A 305 -4.38 -22.34 -47.95
N GLU A 306 -3.73 -22.44 -49.11
CA GLU A 306 -3.26 -21.28 -49.92
C GLU A 306 -4.10 -20.01 -49.66
N LYS A 307 -5.41 -20.14 -49.84
CA LYS A 307 -6.35 -19.04 -49.78
C LYS A 307 -6.33 -18.23 -48.51
N PHE A 308 -6.05 -18.85 -47.38
CA PHE A 308 -6.13 -18.13 -46.12
C PHE A 308 -4.82 -17.90 -45.42
N ALA A 309 -3.83 -18.75 -45.68
CA ALA A 309 -2.57 -18.65 -44.96
C ALA A 309 -1.96 -17.25 -44.97
N LYS A 310 -1.83 -16.65 -46.16
CA LYS A 310 -1.33 -15.29 -46.28
C LYS A 310 -2.05 -14.34 -45.31
N LEU A 311 -3.38 -14.29 -45.41
CA LEU A 311 -4.17 -13.38 -44.58
C LEU A 311 -3.94 -13.66 -43.10
N GLU A 312 -3.71 -14.92 -42.73
CA GLU A 312 -3.49 -15.24 -41.29
C GLU A 312 -2.18 -14.69 -40.76
N GLU A 313 -1.09 -14.96 -41.49
CA GLU A 313 0.28 -14.52 -41.26
C GLU A 313 0.25 -13.02 -41.08
N ARG A 314 -0.25 -12.37 -42.11
CA ARG A 314 -0.37 -10.92 -42.17
C ARG A 314 -1.04 -10.36 -40.96
N THR A 315 -2.02 -11.08 -40.44
CA THR A 315 -2.79 -10.66 -39.27
C THR A 315 -2.06 -10.84 -37.95
N ARG A 316 -1.44 -12.01 -37.80
CA ARG A 316 -0.65 -12.34 -36.63
C ARG A 316 0.45 -11.29 -36.48
N ALA A 317 1.17 -11.03 -37.57
CA ALA A 317 2.17 -9.98 -37.57
C ALA A 317 1.63 -8.62 -37.07
N ALA A 318 0.49 -8.14 -37.58
CA ALA A 318 0.02 -6.84 -37.15
C ALA A 318 -0.45 -6.83 -35.69
N LEU A 319 -1.00 -7.95 -35.25
CA LEU A 319 -1.47 -7.97 -33.89
C LEU A 319 -0.27 -7.89 -32.93
N LEU A 320 0.72 -8.72 -33.18
CA LEU A 320 1.96 -8.75 -32.44
C LEU A 320 2.62 -7.38 -32.40
N GLU A 321 2.69 -6.68 -33.53
CA GLU A 321 3.33 -5.37 -33.52
C GLU A 321 2.57 -4.43 -32.60
N THR A 322 1.24 -4.40 -32.74
CA THR A 322 0.39 -3.57 -31.87
C THR A 322 0.65 -3.96 -30.43
N LEU A 323 0.64 -5.28 -30.16
CA LEU A 323 0.94 -5.78 -28.83
C LEU A 323 2.32 -5.28 -28.37
N TYR A 324 3.35 -5.55 -29.17
CA TYR A 324 4.69 -5.11 -28.80
C TYR A 324 4.72 -3.65 -28.53
N GLU A 325 4.15 -2.86 -29.41
CA GLU A 325 4.23 -1.42 -29.23
C GLU A 325 3.57 -0.98 -27.91
N GLU A 326 2.44 -1.59 -27.58
CA GLU A 326 1.74 -1.23 -26.35
C GLU A 326 2.42 -1.66 -25.07
N LEU A 327 3.05 -2.84 -25.08
CA LEU A 327 3.80 -3.32 -23.93
C LEU A 327 5.01 -2.40 -23.76
N HIS A 328 5.50 -1.86 -24.87
CA HIS A 328 6.63 -0.97 -24.81
C HIS A 328 6.24 0.42 -24.33
N ILE A 329 5.16 1.00 -24.87
CA ILE A 329 4.71 2.32 -24.47
C ILE A 329 4.31 2.37 -23.00
N HIS A 330 3.63 1.33 -22.55
CA HIS A 330 3.15 1.33 -21.19
C HIS A 330 4.25 1.03 -20.16
N SER A 331 5.19 0.14 -20.48
CA SER A 331 6.34 -0.10 -19.61
C SER A 331 7.15 1.19 -19.42
N GLN A 332 7.30 1.95 -20.51
CA GLN A 332 7.99 3.22 -20.48
C GLN A 332 7.27 4.16 -19.50
N SER A 333 5.95 4.27 -19.64
CA SER A 333 5.13 5.10 -18.72
C SER A 333 5.09 4.54 -17.29
N MET A 334 5.55 3.30 -17.13
CA MET A 334 5.65 2.67 -15.81
C MET A 334 6.91 3.13 -15.07
N MET A 335 8.03 3.18 -15.79
CA MET A 335 9.32 3.55 -15.20
C MET A 335 9.53 5.05 -15.00
N GLY A 336 8.99 5.86 -15.91
CA GLY A 336 9.13 7.28 -15.76
C GLY A 336 8.80 8.19 -16.93
N LEU A 337 7.82 7.85 -17.75
CA LEU A 337 7.42 8.73 -18.89
C LEU A 337 7.28 10.21 -18.43
N GLY A 338 6.45 10.46 -17.42
CA GLY A 338 6.29 11.81 -16.84
C GLY A 338 5.89 11.71 -15.36
N GLY A 339 6.54 12.52 -14.51
CA GLY A 339 6.29 12.50 -13.07
C GLY A 339 6.53 13.88 -12.45
N VAL B 5 -10.58 -14.48 15.48
CA VAL B 5 -9.84 -13.24 15.92
C VAL B 5 -8.34 -13.53 16.16
N LYS B 6 -7.55 -13.18 15.15
CA LYS B 6 -6.10 -13.45 15.07
C LYS B 6 -5.14 -13.01 16.20
N LEU B 7 -3.85 -13.27 15.96
CA LEU B 7 -2.76 -13.00 16.90
C LEU B 7 -2.05 -11.69 16.60
N GLU B 8 -2.01 -10.82 17.63
CA GLU B 8 -1.45 -9.46 17.57
C GLU B 8 0.00 -9.28 17.04
N CYS B 9 0.37 -10.01 16.01
CA CYS B 9 1.66 -9.80 15.36
C CYS B 9 1.40 -8.67 14.37
N ASN B 10 2.45 -7.98 13.94
CA ASN B 10 2.30 -6.87 13.02
C ASN B 10 1.36 -7.31 11.89
N PRO B 11 0.22 -6.61 11.73
CA PRO B 11 -0.81 -7.02 10.77
C PRO B 11 -0.34 -6.95 9.31
N THR B 12 0.52 -5.98 9.02
CA THR B 12 1.03 -5.80 7.67
C THR B 12 2.04 -6.87 7.30
N ALA B 13 2.21 -7.87 8.14
CA ALA B 13 3.19 -8.93 7.85
C ALA B 13 2.61 -10.24 7.31
N ARG B 14 1.28 -10.38 7.33
CA ARG B 14 0.59 -11.58 6.81
C ARG B 14 0.23 -11.35 5.33
N ILE B 15 0.20 -9.99 4.89
CA ILE B 15 -0.26 -9.47 3.60
C ILE B 15 0.46 -9.94 2.37
N TYR B 16 1.81 -10.05 2.39
CA TYR B 16 2.40 -10.46 1.16
C TYR B 16 1.85 -11.85 0.80
N ARG B 17 1.79 -12.73 1.79
CA ARG B 17 1.37 -14.10 1.59
C ARG B 17 -0.09 -14.23 1.22
N LYS B 18 -0.94 -13.41 1.86
CA LYS B 18 -2.37 -13.49 1.62
C LYS B 18 -2.78 -12.94 0.27
N HIS B 19 -2.08 -11.92 -0.18
CA HIS B 19 -2.46 -11.25 -1.40
C HIS B 19 -1.48 -11.35 -2.57
N PHE B 20 -0.19 -11.29 -2.31
CA PHE B 20 0.77 -11.24 -3.40
C PHE B 20 1.30 -12.58 -3.93
N LEU B 21 1.90 -13.36 -3.06
CA LEU B 21 2.49 -14.64 -3.38
C LEU B 21 1.60 -15.50 -4.22
N GLY B 22 2.13 -15.92 -5.38
CA GLY B 22 1.45 -16.85 -6.25
C GLY B 22 0.47 -16.22 -7.20
N LYS B 23 0.37 -14.91 -7.14
CA LYS B 23 -0.50 -14.18 -8.05
C LYS B 23 0.40 -13.17 -8.77
N GLU B 24 -0.11 -12.63 -9.87
CA GLU B 24 0.65 -11.66 -10.63
C GLU B 24 0.84 -10.39 -9.83
N HIS B 25 2.07 -10.09 -9.45
CA HIS B 25 2.39 -8.86 -8.77
C HIS B 25 3.73 -8.35 -9.26
N PHE B 26 4.17 -7.18 -8.82
CA PHE B 26 5.46 -6.68 -9.26
C PHE B 26 6.24 -6.25 -8.03
N ASN B 27 7.54 -6.50 -8.04
CA ASN B 27 8.40 -6.04 -6.97
C ASN B 27 9.52 -5.17 -7.53
N TYR B 28 9.60 -3.96 -6.98
CA TYR B 28 10.66 -3.05 -7.35
C TYR B 28 11.46 -2.81 -6.11
N TYR B 29 12.53 -2.03 -6.23
CA TYR B 29 13.38 -1.65 -5.09
C TYR B 29 14.09 -0.33 -5.40
N SER B 30 14.63 0.31 -4.36
CA SER B 30 15.28 1.61 -4.49
C SER B 30 16.16 1.96 -3.30
N LEU B 31 16.93 3.05 -3.46
CA LEU B 31 17.84 3.56 -2.43
C LEU B 31 17.45 4.98 -2.01
N ASP B 32 16.59 5.10 -1.00
CA ASP B 32 16.15 6.40 -0.50
C ASP B 32 17.25 7.09 0.31
N THR B 33 17.76 8.22 -0.21
CA THR B 33 18.82 8.97 0.49
C THR B 33 18.34 9.38 1.87
N ALA B 34 17.12 8.97 2.22
CA ALA B 34 16.59 9.26 3.54
C ALA B 34 16.09 8.00 4.24
N LEU B 35 15.53 7.05 3.49
CA LEU B 35 15.03 5.81 4.09
C LEU B 35 15.81 4.54 3.73
N GLY B 36 17.08 4.72 3.35
CA GLY B 36 17.96 3.61 2.96
C GLY B 36 17.45 2.69 1.84
N HIS B 37 17.50 1.38 2.10
CA HIS B 37 17.04 0.39 1.14
C HIS B 37 15.52 0.38 1.09
N LEU B 38 14.97 -0.02 -0.05
CA LEU B 38 13.52 -0.12 -0.21
C LEU B 38 13.12 -1.36 -1.01
N VAL B 39 11.96 -1.93 -0.70
CA VAL B 39 11.45 -3.10 -1.43
C VAL B 39 9.94 -3.00 -1.60
N PHE B 40 9.54 -2.51 -2.77
CA PHE B 40 8.15 -2.19 -3.09
C PHE B 40 7.43 -3.31 -3.81
N SER B 41 6.22 -3.62 -3.35
CA SER B 41 5.40 -4.63 -4.00
C SER B 41 4.11 -3.97 -4.43
N LEU B 42 3.70 -4.19 -5.66
CA LEU B 42 2.45 -3.61 -6.11
C LEU B 42 1.67 -4.66 -6.88
N LYS B 43 0.34 -4.55 -6.83
CA LYS B 43 -0.53 -5.54 -7.44
C LYS B 43 -1.79 -4.89 -7.94
N TYR B 44 -2.06 -5.13 -9.21
CA TYR B 44 -3.27 -4.66 -9.89
C TYR B 44 -4.26 -5.80 -9.81
N ASP B 45 -5.52 -5.47 -9.66
CA ASP B 45 -6.51 -6.51 -9.44
C ASP B 45 -7.90 -5.99 -9.75
N VAL B 46 -8.51 -6.54 -10.79
CA VAL B 46 -9.84 -6.13 -11.23
C VAL B 46 -10.99 -6.85 -10.50
N ILE B 47 -11.61 -6.17 -9.55
CA ILE B 47 -12.73 -6.74 -8.80
C ILE B 47 -14.08 -6.63 -9.57
N GLY B 48 -14.12 -7.29 -10.74
CA GLY B 48 -15.30 -7.29 -11.59
C GLY B 48 -15.62 -5.92 -12.16
N ASP B 49 -16.48 -5.18 -11.46
CA ASP B 49 -16.92 -3.84 -11.87
C ASP B 49 -15.79 -2.79 -11.80
N GLN B 50 -15.14 -2.70 -10.64
CA GLN B 50 -14.11 -1.68 -10.35
C GLN B 50 -12.71 -2.27 -10.15
N GLU B 51 -11.69 -1.52 -10.58
CA GLU B 51 -10.30 -1.97 -10.46
C GLU B 51 -9.56 -1.40 -9.24
N HIS B 52 -9.07 -2.32 -8.39
CA HIS B 52 -8.35 -1.98 -7.16
C HIS B 52 -6.87 -2.29 -7.30
N LEU B 53 -6.04 -1.46 -6.69
CA LEU B 53 -4.60 -1.61 -6.70
C LEU B 53 -4.14 -1.88 -5.29
N ARG B 54 -3.08 -2.65 -5.09
CA ARG B 54 -2.60 -2.94 -3.73
C ARG B 54 -1.09 -2.66 -3.57
N LEU B 55 -0.70 -2.13 -2.42
CA LEU B 55 0.69 -1.73 -2.24
C LEU B 55 1.31 -2.22 -0.95
N LEU B 56 2.61 -2.47 -0.99
CA LEU B 56 3.37 -2.96 0.16
C LEU B 56 4.78 -2.36 0.05
N LEU B 57 5.01 -1.25 0.75
CA LEU B 57 6.29 -0.54 0.68
C LEU B 57 7.21 -0.80 1.87
N ARG B 58 8.33 -1.46 1.64
CA ARG B 58 9.24 -1.79 2.73
C ARG B 58 10.40 -0.81 3.03
N THR B 59 10.52 -0.39 4.28
CA THR B 59 11.65 0.43 4.69
C THR B 59 12.39 -0.31 5.79
N LYS B 60 13.55 0.23 6.17
CA LYS B 60 14.42 -0.33 7.20
C LYS B 60 13.85 -0.35 8.63
N CYS B 61 12.56 -0.02 8.79
CA CYS B 61 11.91 -0.07 10.12
C CYS B 61 10.37 -0.22 10.08
N ARG B 62 9.77 0.24 8.99
CA ARG B 62 8.33 0.16 8.78
C ARG B 62 8.06 -0.48 7.39
N THR B 63 6.92 -1.15 7.23
CA THR B 63 6.45 -1.47 5.88
C THR B 63 5.10 -0.76 5.85
N TYR B 64 4.79 -0.12 4.74
CA TYR B 64 3.53 0.58 4.63
C TYR B 64 2.62 -0.14 3.66
N HIS B 65 1.39 -0.38 4.11
CA HIS B 65 0.38 -1.04 3.28
C HIS B 65 -0.82 -0.11 3.03
N ASP B 66 -1.37 -0.20 1.83
CA ASP B 66 -2.55 0.57 1.41
C ASP B 66 -3.25 -0.09 0.20
N VAL B 67 -4.54 0.21 0.01
CA VAL B 67 -5.36 -0.34 -1.10
C VAL B 67 -6.15 0.75 -1.86
N ILE B 68 -5.69 1.10 -3.05
CA ILE B 68 -6.35 2.15 -3.86
C ILE B 68 -7.25 1.62 -4.98
N PRO B 69 -8.53 2.03 -4.94
CA PRO B 69 -9.46 1.75 -6.03
C PRO B 69 -9.25 2.81 -7.14
N ILE B 70 -8.33 2.51 -8.05
CA ILE B 70 -7.96 3.43 -9.13
C ILE B 70 -8.91 3.52 -10.36
N SER B 71 -8.67 4.49 -11.24
CA SER B 71 -9.54 4.77 -12.39
C SER B 71 -8.84 4.67 -13.74
N PHE B 76 -4.08 5.55 -15.68
CA PHE B 76 -3.24 4.59 -14.98
C PHE B 76 -1.95 5.23 -14.42
N PRO B 77 -1.67 5.05 -13.12
CA PRO B 77 -0.52 5.71 -12.46
C PRO B 77 0.84 5.01 -12.55
N ASN B 78 1.91 5.80 -12.68
CA ASN B 78 3.28 5.30 -12.79
C ASN B 78 3.79 4.67 -11.50
N VAL B 79 4.98 4.07 -11.57
CA VAL B 79 5.56 3.36 -10.44
C VAL B 79 5.69 4.15 -9.16
N VAL B 80 6.40 5.28 -9.22
CA VAL B 80 6.69 6.08 -8.04
C VAL B 80 5.40 6.52 -7.38
N GLN B 81 4.52 7.20 -8.13
CA GLN B 81 3.22 7.67 -7.63
C GLN B 81 2.51 6.56 -6.81
N MET B 82 2.68 5.32 -7.25
CA MET B 82 2.11 4.17 -6.55
C MET B 82 2.81 4.04 -5.19
N ALA B 83 4.11 4.31 -5.17
CA ALA B 83 4.86 4.29 -3.93
C ALA B 83 4.45 5.49 -3.08
N LYS B 84 4.53 6.68 -3.68
CA LYS B 84 4.16 7.94 -3.04
C LYS B 84 2.73 7.93 -2.52
N LEU B 85 1.95 6.91 -2.89
CA LEU B 85 0.56 6.85 -2.43
C LEU B 85 0.44 6.09 -1.12
N VAL B 86 1.50 5.39 -0.77
CA VAL B 86 1.51 4.63 0.47
C VAL B 86 2.52 5.20 1.50
N CYS B 87 3.61 5.80 0.98
CA CYS B 87 4.61 6.48 1.81
C CYS B 87 5.02 7.80 1.16
N GLU B 88 4.39 8.89 1.60
CA GLU B 88 4.64 10.23 1.04
C GLU B 88 6.10 10.71 1.08
N ASP B 89 6.92 10.10 1.95
CA ASP B 89 8.32 10.49 2.14
C ASP B 89 9.30 10.09 1.05
N VAL B 90 8.88 9.14 0.22
CA VAL B 90 9.73 8.66 -0.86
C VAL B 90 10.20 9.81 -1.75
N ASN B 91 11.47 9.73 -2.15
CA ASN B 91 12.06 10.71 -3.05
C ASN B 91 13.26 10.11 -3.79
N VAL B 92 12.97 9.25 -4.76
CA VAL B 92 14.04 8.62 -5.54
C VAL B 92 14.08 9.11 -6.98
N ASP B 93 15.17 8.77 -7.66
CA ASP B 93 15.35 9.09 -9.07
C ASP B 93 14.50 8.12 -9.88
N ARG B 94 14.58 6.82 -9.56
CA ARG B 94 13.82 5.77 -10.24
C ARG B 94 13.80 4.42 -9.49
N PHE B 95 12.66 3.72 -9.56
CA PHE B 95 12.55 2.39 -8.96
C PHE B 95 13.11 1.38 -9.96
N TYR B 96 13.64 0.26 -9.46
CA TYR B 96 14.23 -0.79 -10.31
C TYR B 96 13.45 -2.06 -10.08
N PRO B 97 13.24 -2.84 -11.15
CA PRO B 97 12.37 -4.02 -11.08
C PRO B 97 13.10 -5.31 -10.73
N VAL B 98 12.51 -6.09 -9.83
CA VAL B 98 13.07 -7.39 -9.51
C VAL B 98 12.72 -8.26 -10.69
N LEU B 99 13.68 -9.01 -11.21
CA LEU B 99 13.39 -9.92 -12.32
C LEU B 99 13.78 -11.35 -11.94
N TYR B 100 14.16 -11.51 -10.68
CA TYR B 100 14.60 -12.78 -10.15
C TYR B 100 13.42 -13.70 -9.92
N PRO B 101 13.35 -14.78 -10.68
CA PRO B 101 12.25 -15.74 -10.56
C PRO B 101 12.10 -16.30 -9.15
N LYS B 102 13.15 -16.25 -8.32
CA LYS B 102 13.14 -16.79 -6.95
C LYS B 102 12.94 -15.74 -5.82
N ALA B 103 12.56 -14.52 -6.22
CA ALA B 103 12.39 -13.41 -5.29
C ALA B 103 11.16 -13.44 -4.39
N SER B 104 9.98 -13.72 -4.93
CA SER B 104 8.81 -13.72 -4.05
C SER B 104 9.07 -14.62 -2.83
N ARG B 105 9.84 -15.69 -3.01
CA ARG B 105 10.16 -16.59 -1.90
C ARG B 105 11.03 -15.92 -0.87
N LEU B 106 11.99 -15.11 -1.30
CA LEU B 106 12.83 -14.39 -0.35
C LEU B 106 12.01 -13.29 0.31
N ILE B 107 11.07 -12.73 -0.44
CA ILE B 107 10.29 -11.62 0.08
C ILE B 107 9.31 -12.06 1.16
N VAL B 108 8.51 -13.10 0.91
CA VAL B 108 7.63 -13.60 1.96
C VAL B 108 8.41 -13.97 3.26
N THR B 109 9.61 -14.53 3.12
CA THR B 109 10.39 -14.86 4.32
C THR B 109 10.76 -13.58 5.06
N PHE B 110 11.21 -12.56 4.35
CA PHE B 110 11.56 -11.33 5.03
C PHE B 110 10.33 -10.74 5.70
N ASP B 111 9.24 -10.64 4.95
CA ASP B 111 7.99 -10.10 5.44
C ASP B 111 7.51 -10.84 6.68
N GLU B 112 7.65 -12.17 6.61
CA GLU B 112 7.22 -13.10 7.66
C GLU B 112 8.16 -13.20 8.91
N HIS B 113 9.40 -12.69 8.81
CA HIS B 113 10.40 -12.82 9.90
C HIS B 113 9.96 -12.36 11.29
N VAL B 114 9.12 -11.33 11.38
CA VAL B 114 8.63 -10.86 12.67
C VAL B 114 7.52 -11.72 13.29
N ILE B 115 7.19 -12.84 12.64
CA ILE B 115 6.17 -13.75 13.15
C ILE B 115 6.87 -14.86 13.92
N SER B 116 6.91 -14.68 15.22
CA SER B 116 7.55 -15.66 16.09
C SER B 116 6.78 -16.97 15.97
N ASN B 117 7.50 -17.99 15.53
CA ASN B 117 6.93 -19.32 15.41
C ASN B 117 7.04 -20.06 16.73
N ASN B 118 7.96 -19.60 17.60
CA ASN B 118 8.20 -20.21 18.91
C ASN B 118 7.96 -19.33 20.12
N PHE B 119 7.56 -19.93 21.24
CA PHE B 119 7.32 -19.15 22.46
C PHE B 119 7.80 -19.84 23.72
N LYS B 120 8.44 -19.08 24.60
CA LYS B 120 8.90 -19.60 25.88
C LYS B 120 8.37 -18.66 26.95
N PHE B 121 7.54 -19.26 27.81
CA PHE B 121 6.86 -18.53 28.86
C PHE B 121 7.26 -19.08 30.22
N GLY B 122 7.19 -18.25 31.26
CA GLY B 122 7.58 -18.68 32.59
C GLY B 122 6.45 -18.80 33.57
N VAL B 123 6.59 -19.73 34.51
CA VAL B 123 5.62 -19.93 35.56
C VAL B 123 6.27 -19.74 36.94
N ILE B 124 5.94 -18.63 37.59
CA ILE B 124 6.46 -18.30 38.91
C ILE B 124 5.36 -18.51 39.94
N TYR B 125 5.73 -19.10 41.08
CA TYR B 125 4.76 -19.44 42.11
C TYR B 125 4.96 -18.62 43.37
N GLN B 126 4.07 -17.65 43.56
CA GLN B 126 4.16 -16.75 44.69
C GLN B 126 3.40 -17.23 45.92
N LYS B 127 4.12 -17.80 46.89
CA LYS B 127 3.53 -18.18 48.16
C LYS B 127 3.13 -16.88 48.83
N LEU B 128 1.95 -16.84 49.47
CA LEU B 128 1.45 -15.62 50.11
C LEU B 128 2.47 -14.92 51.04
N GLY B 129 2.96 -13.77 50.59
CA GLY B 129 3.94 -13.02 51.35
C GLY B 129 5.29 -12.95 50.64
N GLN B 130 5.59 -13.94 49.81
CA GLN B 130 6.83 -13.95 49.04
C GLN B 130 6.86 -12.65 48.23
N THR B 131 7.94 -11.91 48.40
CA THR B 131 8.06 -10.60 47.79
C THR B 131 9.39 -10.35 47.04
N SER B 132 10.45 -11.05 47.44
CA SER B 132 11.77 -10.92 46.83
C SER B 132 12.08 -12.05 45.87
N GLU B 133 13.16 -11.89 45.11
CA GLU B 133 13.60 -12.90 44.13
C GLU B 133 13.88 -14.26 44.79
N GLU B 134 14.76 -14.25 45.80
CA GLU B 134 15.20 -15.45 46.51
C GLU B 134 14.05 -16.29 47.04
N GLU B 135 12.96 -15.62 47.44
CA GLU B 135 11.77 -16.28 47.94
C GLU B 135 10.91 -16.88 46.82
N LEU B 136 10.48 -16.04 45.86
CA LEU B 136 9.60 -16.51 44.78
C LEU B 136 10.24 -17.53 43.83
N PHE B 137 11.54 -17.76 43.99
CA PHE B 137 12.26 -18.77 43.22
C PHE B 137 12.61 -19.96 44.15
N SER B 138 12.56 -19.71 45.46
CA SER B 138 12.88 -20.71 46.49
C SER B 138 11.92 -21.89 46.53
N THR B 139 10.63 -21.62 46.29
CA THR B 139 9.59 -22.64 46.37
C THR B 139 9.95 -23.93 45.61
N ASN B 140 10.12 -25.02 46.37
CA ASN B 140 10.49 -26.32 45.83
C ASN B 140 9.27 -27.25 45.60
N GLU B 141 8.30 -27.21 46.51
CA GLU B 141 7.09 -28.04 46.41
C GLU B 141 5.95 -27.35 45.65
N GLU B 142 4.98 -28.14 45.21
CA GLU B 142 3.82 -27.63 44.46
C GLU B 142 2.53 -27.95 45.22
N SER B 143 1.73 -26.91 45.48
CA SER B 143 0.46 -27.08 46.18
C SER B 143 -0.61 -27.69 45.27
N PRO B 144 -1.56 -28.43 45.85
CA PRO B 144 -2.69 -29.03 45.11
C PRO B 144 -3.32 -28.15 44.04
N ALA B 145 -3.66 -26.91 44.38
CA ALA B 145 -4.25 -25.93 43.46
C ALA B 145 -3.36 -25.54 42.27
N PHE B 146 -2.04 -25.46 42.52
CA PHE B 146 -1.02 -25.15 41.51
C PHE B 146 -0.87 -26.29 40.47
N VAL B 147 -0.99 -27.53 40.93
CA VAL B 147 -0.90 -28.69 40.05
C VAL B 147 -2.17 -28.80 39.21
N GLU B 148 -3.30 -28.45 39.81
CA GLU B 148 -4.61 -28.51 39.14
C GLU B 148 -4.72 -27.48 38.02
N PHE B 149 -3.94 -26.41 38.14
CA PHE B 149 -3.87 -25.33 37.16
C PHE B 149 -2.81 -25.66 36.11
N LEU B 150 -1.72 -26.31 36.53
CA LEU B 150 -0.61 -26.68 35.66
C LEU B 150 -0.98 -27.78 34.67
N GLU B 151 -1.85 -28.69 35.08
CA GLU B 151 -2.33 -29.78 34.20
C GLU B 151 -3.41 -29.23 33.29
N PHE B 152 -3.90 -28.05 33.64
CA PHE B 152 -4.90 -27.36 32.88
C PHE B 152 -4.21 -26.51 31.81
N LEU B 153 -3.04 -25.96 32.14
CA LEU B 153 -2.24 -25.11 31.25
C LEU B 153 -1.91 -25.72 29.90
N GLY B 154 -1.56 -27.01 29.92
CA GLY B 154 -1.22 -27.76 28.73
C GLY B 154 -1.04 -29.19 29.15
N GLN B 155 -0.28 -29.95 28.37
CA GLN B 155 -0.05 -31.33 28.74
C GLN B 155 1.35 -31.53 29.28
N LYS B 156 1.49 -32.52 30.17
CA LYS B 156 2.76 -32.89 30.77
C LYS B 156 3.56 -33.69 29.76
N VAL B 157 4.86 -33.42 29.67
CA VAL B 157 5.75 -34.16 28.77
C VAL B 157 7.17 -34.29 29.32
N LYS B 158 7.84 -35.41 29.02
CA LYS B 158 9.21 -35.69 29.49
C LYS B 158 10.28 -34.81 28.84
N PHE B 165 9.85 -29.03 20.34
CA PHE B 165 10.39 -27.70 20.66
C PHE B 165 10.70 -27.57 22.16
N ARG B 166 11.98 -27.70 22.46
CA ARG B 166 12.50 -27.64 23.83
C ARG B 166 12.37 -26.26 24.51
N GLY B 167 12.70 -25.21 23.78
CA GLY B 167 12.70 -23.86 24.32
C GLY B 167 13.91 -23.60 25.18
N GLY B 168 15.03 -24.24 24.84
CA GLY B 168 16.28 -24.11 25.59
C GLY B 168 16.23 -24.87 26.90
N THR B 176 17.03 -27.57 31.94
CA THR B 176 16.08 -28.63 31.62
C THR B 176 15.33 -29.12 32.86
N GLY B 177 15.85 -30.16 33.51
CA GLY B 177 15.21 -30.71 34.70
C GLY B 177 14.56 -32.07 34.49
N THR B 178 13.53 -32.38 35.28
CA THR B 178 12.85 -33.67 35.15
C THR B 178 11.72 -33.62 34.12
N GLU B 179 10.92 -32.56 34.18
CA GLU B 179 9.78 -32.37 33.27
C GLU B 179 9.40 -30.89 33.08
N SER B 180 8.33 -30.65 32.33
CA SER B 180 7.79 -29.30 32.09
C SER B 180 6.46 -29.40 31.33
N VAL B 181 5.91 -28.25 30.92
CA VAL B 181 4.65 -28.20 30.17
C VAL B 181 4.89 -27.62 28.79
N TYR B 182 4.13 -28.16 27.83
CA TYR B 182 4.19 -27.78 26.41
C TYR B 182 2.74 -27.79 25.90
N CYS B 183 2.47 -27.02 24.84
CA CYS B 183 1.18 -27.09 24.15
C CYS B 183 1.26 -26.41 22.77
N ASN B 184 0.52 -26.94 21.80
CA ASN B 184 0.44 -26.36 20.43
C ASN B 184 -0.78 -25.42 20.31
N PHE B 185 -0.63 -24.25 19.68
CA PHE B 185 -1.77 -23.32 19.53
C PHE B 185 -2.28 -22.92 18.14
N ARG B 186 -1.55 -22.10 17.37
CA ARG B 186 -1.97 -21.83 15.99
C ARG B 186 -1.29 -22.88 15.09
N ASN B 187 -0.10 -23.26 15.56
CA ASN B 187 0.81 -24.22 14.93
C ASN B 187 2.11 -24.01 15.68
N LYS B 188 2.17 -22.86 16.34
CA LYS B 188 3.31 -22.43 17.12
C LYS B 188 3.46 -23.32 18.33
N GLU B 189 4.70 -23.65 18.65
CA GLU B 189 5.00 -24.49 19.78
C GLU B 189 5.35 -23.60 20.97
N ILE B 190 4.91 -24.01 22.14
CA ILE B 190 5.21 -23.26 23.35
C ILE B 190 5.56 -24.13 24.56
N MET B 191 6.79 -23.97 25.03
CA MET B 191 7.30 -24.64 26.22
C MET B 191 7.25 -23.65 27.38
N PHE B 192 6.81 -24.14 28.53
CA PHE B 192 6.74 -23.34 29.73
C PHE B 192 7.94 -23.63 30.60
N HIS B 193 8.29 -22.66 31.43
CA HIS B 193 9.34 -22.83 32.42
C HIS B 193 8.67 -22.75 33.79
N VAL B 194 8.27 -23.89 34.32
CA VAL B 194 7.64 -23.94 35.64
C VAL B 194 8.73 -24.05 36.73
N SER B 195 9.11 -22.90 37.30
CA SER B 195 10.19 -22.79 38.29
C SER B 195 10.38 -24.04 39.12
N THR B 196 9.28 -24.51 39.70
CA THR B 196 9.22 -25.67 40.58
C THR B 196 9.57 -26.98 39.91
N LYS B 197 9.08 -27.19 38.70
CA LYS B 197 9.36 -28.42 37.96
C LYS B 197 10.81 -28.49 37.44
N LEU B 198 11.56 -27.40 37.63
CA LEU B 198 12.97 -27.30 37.21
C LEU B 198 13.96 -27.47 38.38
N PRO B 199 15.20 -27.87 38.08
CA PRO B 199 16.19 -28.22 39.13
C PRO B 199 16.42 -27.21 40.25
N TYR B 200 16.73 -27.71 41.45
CA TYR B 200 16.99 -26.91 42.64
C TYR B 200 18.49 -26.90 43.02
N THR B 201 19.26 -26.07 42.31
CA THR B 201 20.71 -25.91 42.51
C THR B 201 21.49 -27.24 42.51
N ALA B 205 23.75 -18.96 43.75
CA ALA B 205 23.23 -19.47 45.02
C ALA B 205 21.80 -18.97 45.28
N GLN B 206 21.42 -17.89 44.59
CA GLN B 206 20.08 -17.31 44.67
C GLN B 206 19.21 -17.85 43.52
N GLN B 207 19.13 -19.19 43.47
CA GLN B 207 18.38 -19.93 42.46
C GLN B 207 18.75 -19.51 41.04
N LEU B 208 20.03 -19.62 40.71
CA LEU B 208 20.51 -19.27 39.39
C LEU B 208 19.99 -20.24 38.33
N GLN B 209 19.62 -21.45 38.74
CA GLN B 209 19.14 -22.49 37.83
C GLN B 209 17.65 -22.41 37.43
N ARG B 210 16.96 -21.41 37.96
CA ARG B 210 15.56 -21.15 37.64
C ARG B 210 15.46 -19.83 36.89
N LYS B 211 16.38 -18.93 37.22
CA LYS B 211 16.50 -17.60 36.59
C LYS B 211 17.13 -17.72 35.19
N ARG B 212 17.89 -18.79 34.98
CA ARG B 212 18.51 -19.07 33.69
C ARG B 212 17.40 -19.14 32.65
N HIS B 213 16.35 -19.88 32.97
CA HIS B 213 15.22 -20.06 32.07
C HIS B 213 14.19 -18.94 32.16
N ILE B 214 13.62 -18.74 33.35
CA ILE B 214 12.59 -17.71 33.55
C ILE B 214 13.12 -16.29 33.34
N GLY B 215 14.38 -16.06 33.69
CA GLY B 215 15.03 -14.78 33.47
C GLY B 215 14.99 -14.45 31.99
N ASN B 216 15.71 -15.23 31.18
CA ASN B 216 15.78 -15.03 29.72
C ASN B 216 14.40 -14.99 29.01
N ASP B 217 13.31 -15.20 29.76
CA ASP B 217 11.95 -15.15 29.25
C ASP B 217 11.48 -13.69 29.15
N ILE B 218 10.29 -13.47 28.61
CA ILE B 218 9.77 -12.10 28.49
C ILE B 218 8.37 -11.94 29.10
N VAL B 219 7.55 -12.97 28.95
CA VAL B 219 6.24 -12.99 29.57
C VAL B 219 6.24 -14.17 30.54
N ALA B 220 5.72 -13.95 31.74
CA ALA B 220 5.63 -15.04 32.71
C ALA B 220 4.26 -15.04 33.34
N VAL B 221 3.78 -16.22 33.73
CA VAL B 221 2.53 -16.29 34.48
C VAL B 221 2.91 -16.35 35.96
N VAL B 222 2.27 -15.55 36.78
CA VAL B 222 2.47 -15.64 38.23
C VAL B 222 1.22 -16.32 38.78
N PHE B 223 1.41 -17.45 39.43
CA PHE B 223 0.28 -18.13 40.02
C PHE B 223 0.32 -17.91 41.53
N GLN B 224 -0.83 -17.61 42.12
CA GLN B 224 -0.90 -17.44 43.56
C GLN B 224 -2.07 -18.21 44.12
N ASP B 225 -1.87 -18.82 45.29
CA ASP B 225 -2.91 -19.57 45.98
C ASP B 225 -3.80 -18.56 46.68
N GLU B 226 -3.17 -17.61 47.36
CA GLU B 226 -3.84 -16.51 48.04
C GLU B 226 -3.32 -15.19 47.44
N ASN B 227 -4.13 -14.14 47.57
CA ASN B 227 -3.78 -12.82 47.05
C ASN B 227 -2.59 -12.18 47.78
N THR B 228 -1.76 -11.49 46.99
CA THR B 228 -0.61 -10.73 47.45
C THR B 228 -0.23 -9.85 46.28
N PRO B 229 0.32 -8.68 46.57
CA PRO B 229 0.77 -7.79 45.50
C PRO B 229 1.92 -8.40 44.72
N PHE B 230 1.84 -8.33 43.38
CA PHE B 230 2.97 -8.66 42.54
C PHE B 230 3.22 -7.47 41.64
N VAL B 231 4.49 -7.20 41.45
CA VAL B 231 4.96 -6.06 40.71
C VAL B 231 6.24 -6.53 40.00
N PRO B 232 6.37 -6.23 38.71
CA PRO B 232 7.55 -6.65 37.93
C PRO B 232 8.89 -6.28 38.54
N ASP B 233 8.94 -5.22 39.35
CA ASP B 233 10.19 -4.78 39.94
C ASP B 233 10.73 -5.76 40.97
N MET B 234 9.92 -6.75 41.32
CA MET B 234 10.31 -7.77 42.30
C MET B 234 11.28 -8.78 41.71
N ILE B 235 11.46 -8.71 40.40
CA ILE B 235 12.38 -9.60 39.69
C ILE B 235 13.27 -8.74 38.80
N ALA B 236 14.59 -8.94 38.94
CA ALA B 236 15.58 -8.19 38.17
C ALA B 236 15.87 -8.82 36.81
N SER B 237 15.04 -8.48 35.82
CA SER B 237 15.17 -9.03 34.47
C SER B 237 15.11 -7.97 33.41
N ASN B 238 16.19 -7.86 32.64
CA ASN B 238 16.26 -6.94 31.51
C ASN B 238 15.32 -7.39 30.39
N PHE B 239 14.88 -8.64 30.44
CA PHE B 239 13.99 -9.24 29.45
C PHE B 239 12.48 -9.29 29.84
N LEU B 240 12.13 -9.88 30.99
CA LEU B 240 10.72 -9.96 31.43
C LEU B 240 10.08 -8.58 31.43
N HIS B 241 8.95 -8.46 30.76
CA HIS B 241 8.31 -7.17 30.64
C HIS B 241 6.87 -7.28 31.08
N ALA B 242 6.31 -8.47 30.96
CA ALA B 242 4.91 -8.63 31.30
C ALA B 242 4.60 -9.89 32.04
N TYR B 243 3.58 -9.81 32.88
CA TYR B 243 3.13 -10.94 33.68
C TYR B 243 1.64 -11.06 33.65
N VAL B 244 1.16 -12.28 33.42
CA VAL B 244 -0.26 -12.51 33.58
C VAL B 244 -0.39 -13.19 34.93
N VAL B 245 -1.05 -12.49 35.86
CA VAL B 245 -1.24 -12.97 37.24
C VAL B 245 -2.53 -13.81 37.37
N VAL B 246 -2.38 -15.05 37.79
CA VAL B 246 -3.53 -15.95 37.96
C VAL B 246 -3.59 -16.35 39.42
N GLN B 247 -4.69 -15.96 40.08
CA GLN B 247 -4.92 -16.22 41.51
C GLN B 247 -6.10 -17.16 41.79
N ALA B 248 -5.81 -18.37 42.29
CA ALA B 248 -6.84 -19.37 42.61
C ALA B 248 -7.98 -18.87 43.53
N TYR B 258 -10.33 -18.55 39.09
CA TYR B 258 -9.03 -17.85 38.93
C TYR B 258 -9.23 -16.35 38.69
N LYS B 259 -8.56 -15.53 39.50
CA LYS B 259 -8.64 -14.06 39.36
C LYS B 259 -7.45 -13.53 38.58
N VAL B 260 -7.65 -13.39 37.27
CA VAL B 260 -6.60 -12.91 36.39
C VAL B 260 -6.52 -11.39 36.32
N SER B 261 -5.32 -10.89 36.60
CA SER B 261 -4.96 -9.49 36.43
C SER B 261 -3.67 -9.43 35.56
N VAL B 262 -3.41 -8.27 34.96
CA VAL B 262 -2.23 -8.13 34.12
C VAL B 262 -1.30 -7.06 34.68
N THR B 263 -0.03 -7.40 34.76
CA THR B 263 0.94 -6.38 35.14
C THR B 263 2.19 -6.39 34.24
N ALA B 264 2.53 -5.17 33.78
CA ALA B 264 3.58 -4.92 32.81
C ALA B 264 4.03 -3.47 32.86
N ARG B 265 5.25 -3.23 32.38
CA ARG B 265 5.91 -1.92 32.33
C ARG B 265 5.15 -0.84 31.54
N ASP B 266 5.31 0.44 31.91
CA ASP B 266 4.67 1.60 31.21
C ASP B 266 5.01 1.58 29.72
N ASP B 267 6.13 0.91 29.43
CA ASP B 267 6.69 0.65 28.11
C ASP B 267 5.73 -0.12 27.20
N VAL B 268 5.10 -1.16 27.76
CA VAL B 268 4.29 -2.15 27.00
C VAL B 268 2.78 -1.88 26.90
N PRO B 269 2.28 -1.80 25.64
CA PRO B 269 0.87 -1.45 25.38
C PRO B 269 -0.12 -2.56 25.64
N PHE B 270 -1.41 -2.24 25.49
CA PHE B 270 -2.48 -3.20 25.73
C PHE B 270 -2.34 -4.42 24.85
N PHE B 271 -2.79 -5.57 25.35
CA PHE B 271 -2.66 -6.78 24.56
C PHE B 271 -3.79 -7.77 24.76
N GLY B 272 -3.64 -8.91 24.06
CA GLY B 272 -4.54 -10.06 24.07
C GLY B 272 -5.97 -9.61 23.99
N PRO B 273 -6.92 -10.52 24.22
CA PRO B 273 -8.34 -10.16 24.24
C PRO B 273 -8.59 -9.33 25.49
N PRO B 274 -9.48 -8.32 25.44
CA PRO B 274 -9.79 -7.56 26.66
C PRO B 274 -10.15 -8.51 27.79
N LEU B 275 -9.85 -8.13 29.04
CA LEU B 275 -10.22 -8.94 30.18
C LEU B 275 -11.75 -8.78 30.39
N PRO B 276 -12.44 -9.79 30.92
CA PRO B 276 -13.91 -9.74 31.09
C PRO B 276 -14.45 -8.96 32.31
N ASP B 277 -15.72 -8.55 32.25
CA ASP B 277 -16.36 -7.75 33.31
C ASP B 277 -16.32 -8.36 34.73
N PRO B 278 -16.87 -9.58 34.93
CA PRO B 278 -16.59 -10.28 36.19
C PRO B 278 -15.17 -10.83 35.96
N ALA B 279 -14.16 -10.03 36.29
CA ALA B 279 -12.72 -10.30 36.06
C ALA B 279 -12.20 -11.74 36.19
N VAL B 280 -12.98 -12.59 36.88
CA VAL B 280 -12.67 -13.99 37.14
C VAL B 280 -12.55 -14.85 35.87
N PHE B 281 -12.13 -16.11 36.05
CA PHE B 281 -12.03 -17.03 34.92
C PHE B 281 -12.51 -18.45 35.20
N ARG B 282 -13.56 -18.83 34.48
CA ARG B 282 -14.15 -20.16 34.56
C ARG B 282 -13.07 -21.16 34.14
N LYS B 283 -12.75 -22.09 35.03
CA LYS B 283 -11.72 -23.10 34.77
C LYS B 283 -12.13 -24.10 33.65
N GLY B 284 -11.44 -24.03 32.51
CA GLY B 284 -11.74 -24.91 31.37
C GLY B 284 -11.45 -24.42 29.93
N PRO B 285 -11.94 -25.18 28.94
CA PRO B 285 -11.72 -24.91 27.51
C PRO B 285 -11.61 -23.44 27.05
N GLU B 286 -12.58 -22.60 27.40
CA GLU B 286 -12.58 -21.19 26.98
C GLU B 286 -11.46 -20.39 27.65
N PHE B 287 -11.16 -20.73 28.91
CA PHE B 287 -10.13 -20.07 29.73
C PHE B 287 -8.70 -20.29 29.17
N GLN B 288 -8.30 -21.55 29.02
CA GLN B 288 -6.98 -21.89 28.50
C GLN B 288 -6.75 -21.14 27.20
N GLU B 289 -7.76 -21.20 26.33
CA GLU B 289 -7.75 -20.51 25.03
C GLU B 289 -7.38 -19.05 25.22
N PHE B 290 -8.16 -18.36 26.05
CA PHE B 290 -7.92 -16.95 26.33
C PHE B 290 -6.49 -16.72 26.79
N LEU B 291 -6.13 -17.46 27.84
CA LEU B 291 -4.81 -17.36 28.48
C LEU B 291 -3.64 -17.52 27.49
N LEU B 292 -3.63 -18.64 26.77
CA LEU B 292 -2.55 -18.88 25.83
C LEU B 292 -2.43 -17.74 24.80
N THR B 293 -3.55 -17.29 24.22
CA THR B 293 -3.47 -16.16 23.26
C THR B 293 -2.86 -14.94 23.97
N LYS B 294 -3.41 -14.58 25.13
CA LYS B 294 -2.98 -13.43 25.92
C LYS B 294 -1.49 -13.43 26.21
N LEU B 295 -0.96 -14.58 26.60
CA LEU B 295 0.46 -14.70 26.87
C LEU B 295 1.26 -14.36 25.62
N ILE B 296 0.85 -14.94 24.50
CA ILE B 296 1.46 -14.72 23.20
C ILE B 296 1.35 -13.24 22.87
N ASN B 297 0.13 -12.73 22.84
CA ASN B 297 -0.08 -11.32 22.55
C ASN B 297 0.68 -10.39 23.50
N ALA B 298 0.80 -10.80 24.75
CA ALA B 298 1.62 -10.08 25.72
C ALA B 298 3.06 -9.92 25.18
N GLU B 299 3.65 -11.00 24.66
CA GLU B 299 5.00 -10.95 24.11
C GLU B 299 5.09 -10.01 22.89
N TYR B 300 4.20 -10.20 21.93
CA TYR B 300 4.18 -9.33 20.78
C TYR B 300 4.01 -7.89 21.31
N ALA B 301 3.24 -7.71 22.40
CA ALA B 301 3.09 -6.37 22.98
C ALA B 301 4.46 -5.88 23.44
N CYS B 302 5.06 -6.56 24.40
CA CYS B 302 6.35 -6.11 24.92
C CYS B 302 7.44 -6.00 23.87
N TYR B 303 7.25 -6.61 22.70
CA TYR B 303 8.24 -6.48 21.63
C TYR B 303 8.17 -5.07 21.05
N LYS B 304 7.09 -4.34 21.36
CA LYS B 304 6.93 -2.95 20.88
C LYS B 304 7.53 -1.96 21.88
N ALA B 305 8.14 -2.49 22.94
CA ALA B 305 8.72 -1.68 24.03
C ALA B 305 10.07 -1.02 23.71
N GLU B 306 10.45 -0.06 24.56
CA GLU B 306 11.69 0.72 24.38
C GLU B 306 12.99 -0.09 24.46
N LYS B 307 12.99 -1.20 25.20
CA LYS B 307 14.15 -2.10 25.25
C LYS B 307 14.23 -2.96 23.98
N PHE B 308 13.07 -3.24 23.38
CA PHE B 308 12.98 -4.08 22.16
C PHE B 308 12.87 -3.26 20.88
N ALA B 309 13.63 -2.17 20.83
CA ALA B 309 13.68 -1.32 19.65
C ALA B 309 14.97 -1.66 18.88
N LYS B 310 16.10 -1.42 19.55
CA LYS B 310 17.45 -1.65 18.98
C LYS B 310 17.62 -2.99 18.28
N LEU B 311 17.08 -4.06 18.83
CA LEU B 311 17.18 -5.36 18.17
C LEU B 311 16.20 -5.48 17.00
N GLU B 312 15.04 -4.82 17.08
CA GLU B 312 14.09 -4.85 15.98
C GLU B 312 14.60 -4.04 14.79
N GLU B 313 15.10 -2.84 15.05
CA GLU B 313 15.69 -2.00 13.98
C GLU B 313 16.93 -2.72 13.44
N ARG B 314 17.82 -3.15 14.35
CA ARG B 314 19.05 -3.88 14.03
C ARG B 314 18.81 -5.09 13.13
N THR B 315 17.79 -5.89 13.43
CA THR B 315 17.50 -7.09 12.65
C THR B 315 16.79 -6.78 11.35
N ARG B 316 15.75 -5.94 11.40
CA ARG B 316 14.97 -5.59 10.23
C ARG B 316 15.84 -4.95 9.17
N ALA B 317 16.63 -3.96 9.57
CA ALA B 317 17.54 -3.27 8.67
C ALA B 317 18.51 -4.27 8.06
N ALA B 318 19.25 -4.97 8.93
CA ALA B 318 20.21 -5.97 8.49
C ALA B 318 19.61 -6.94 7.47
N LEU B 319 18.43 -7.48 7.79
CA LEU B 319 17.76 -8.44 6.94
C LEU B 319 17.37 -7.81 5.60
N LEU B 320 16.95 -6.55 5.66
CA LEU B 320 16.53 -5.83 4.48
C LEU B 320 17.72 -5.54 3.59
N GLU B 321 18.77 -4.99 4.21
CA GLU B 321 20.02 -4.69 3.50
C GLU B 321 20.39 -5.96 2.68
N THR B 322 20.41 -7.11 3.35
CA THR B 322 20.72 -8.41 2.71
C THR B 322 19.75 -8.75 1.59
N LEU B 323 18.46 -8.56 1.81
CA LEU B 323 17.47 -8.93 0.79
C LEU B 323 17.56 -8.00 -0.42
N TYR B 324 17.94 -6.74 -0.19
CA TYR B 324 18.09 -5.75 -1.26
C TYR B 324 19.25 -6.14 -2.17
N GLU B 325 20.34 -6.60 -1.55
CA GLU B 325 21.52 -7.03 -2.28
C GLU B 325 21.17 -8.21 -3.20
N GLU B 326 20.55 -9.23 -2.62
CA GLU B 326 20.12 -10.41 -3.33
C GLU B 326 19.19 -10.03 -4.49
N LEU B 327 18.23 -9.15 -4.20
CA LEU B 327 17.28 -8.69 -5.22
C LEU B 327 18.03 -7.96 -6.34
N HIS B 328 19.07 -7.22 -5.99
CA HIS B 328 19.82 -6.48 -6.95
C HIS B 328 20.74 -7.35 -7.82
N ILE B 329 21.57 -8.17 -7.17
CA ILE B 329 22.53 -9.02 -7.87
C ILE B 329 21.88 -10.03 -8.82
N HIS B 330 20.72 -10.55 -8.44
CA HIS B 330 20.04 -11.54 -9.27
C HIS B 330 19.27 -10.92 -10.43
N SER B 331 18.76 -9.72 -10.19
CA SER B 331 18.07 -8.98 -11.20
C SER B 331 19.06 -8.41 -12.24
N GLN B 332 20.17 -7.83 -11.80
CA GLN B 332 21.18 -7.36 -12.75
C GLN B 332 21.63 -8.54 -13.60
N SER B 333 21.86 -9.65 -12.92
CA SER B 333 22.31 -10.92 -13.50
C SER B 333 21.38 -11.44 -14.59
N MET B 334 20.07 -11.32 -14.37
CA MET B 334 19.10 -11.75 -15.36
C MET B 334 19.23 -10.95 -16.65
N MET B 335 20.03 -9.88 -16.63
CA MET B 335 20.22 -9.02 -17.78
C MET B 335 21.67 -8.66 -18.12
N GLY B 336 22.26 -7.75 -17.32
CA GLY B 336 23.57 -7.15 -17.55
C GLY B 336 24.75 -7.69 -16.76
N LEU B 337 24.94 -7.22 -15.53
CA LEU B 337 26.05 -7.69 -14.67
C LEU B 337 25.61 -8.90 -13.86
N THR C 3 -10.53 41.94 23.00
CA THR C 3 -9.55 41.90 21.87
C THR C 3 -8.31 40.98 22.14
N LYS C 4 -8.35 39.78 21.58
CA LYS C 4 -7.29 38.76 21.73
C LYS C 4 -5.92 39.14 21.18
N VAL C 5 -4.86 38.47 21.64
CA VAL C 5 -3.50 38.63 21.06
C VAL C 5 -2.87 37.28 20.70
N LYS C 6 -1.89 37.34 19.80
CA LYS C 6 -1.19 36.16 19.34
C LYS C 6 -0.57 35.35 20.51
N LEU C 7 -0.66 34.02 20.41
CA LEU C 7 -0.07 33.15 21.43
C LEU C 7 1.44 33.35 21.45
N GLU C 8 2.02 33.26 22.63
CA GLU C 8 3.42 33.53 22.80
C GLU C 8 4.40 32.50 22.24
N CYS C 9 4.18 32.01 21.04
CA CYS C 9 5.22 31.17 20.45
C CYS C 9 6.37 32.12 20.04
N ASN C 10 7.42 31.57 19.45
CA ASN C 10 8.51 32.41 18.95
C ASN C 10 7.92 33.31 17.90
N PRO C 11 8.24 34.60 17.95
CA PRO C 11 7.59 35.56 17.04
C PRO C 11 8.08 35.44 15.61
N THR C 12 9.30 34.96 15.46
CA THR C 12 9.92 34.80 14.15
C THR C 12 9.38 33.61 13.38
N ALA C 13 8.67 32.70 14.04
CA ALA C 13 8.17 31.52 13.34
C ALA C 13 7.02 31.89 12.44
N ARG C 14 6.45 33.07 12.65
CA ARG C 14 5.29 33.49 11.87
C ARG C 14 5.62 34.35 10.64
N ILE C 15 6.79 34.99 10.66
CA ILE C 15 7.22 35.91 9.59
C ILE C 15 7.07 35.40 8.15
N TYR C 16 7.58 34.19 7.82
CA TYR C 16 7.46 33.65 6.45
C TYR C 16 6.03 33.64 5.93
N ARG C 17 5.10 33.11 6.71
CA ARG C 17 3.69 33.03 6.33
C ARG C 17 3.11 34.42 6.11
N LYS C 18 3.24 35.29 7.10
CA LYS C 18 2.74 36.66 7.01
C LYS C 18 3.27 37.40 5.80
N HIS C 19 4.60 37.54 5.73
CA HIS C 19 5.20 38.37 4.70
C HIS C 19 5.83 37.70 3.47
N PHE C 20 6.18 36.43 3.50
CA PHE C 20 6.83 35.83 2.35
C PHE C 20 5.98 34.89 1.48
N LEU C 21 5.27 33.95 2.10
CA LEU C 21 4.52 32.92 1.38
C LEU C 21 3.45 33.46 0.49
N GLY C 22 3.43 32.96 -0.75
CA GLY C 22 2.45 33.37 -1.75
C GLY C 22 2.73 34.74 -2.36
N LYS C 23 3.92 35.29 -2.10
CA LYS C 23 4.33 36.62 -2.58
C LYS C 23 5.70 36.55 -3.32
N GLU C 24 6.03 37.57 -4.12
CA GLU C 24 7.29 37.61 -4.92
C GLU C 24 8.51 37.18 -4.11
N HIS C 25 9.22 36.13 -4.56
CA HIS C 25 10.20 35.46 -3.65
C HIS C 25 11.64 35.09 -3.99
N PHE C 26 12.48 35.01 -2.97
CA PHE C 26 13.86 34.52 -3.16
C PHE C 26 14.42 33.74 -1.94
N ASN C 27 14.90 32.52 -2.21
CA ASN C 27 15.48 31.67 -1.16
C ASN C 27 16.86 31.17 -1.59
N TYR C 28 17.82 31.27 -0.68
CA TYR C 28 19.19 30.84 -0.94
C TYR C 28 19.67 29.85 0.12
N TYR C 29 20.65 29.02 -0.24
CA TYR C 29 21.25 28.13 0.72
C TYR C 29 22.76 28.27 0.59
N SER C 30 23.47 27.89 1.67
CA SER C 30 24.92 27.97 1.71
C SER C 30 25.37 27.26 2.97
N LEU C 31 26.63 26.82 2.97
CA LEU C 31 27.20 26.15 4.12
C LEU C 31 28.34 26.95 4.77
N ASP C 32 28.06 27.53 5.93
CA ASP C 32 29.00 28.31 6.73
C ASP C 32 29.69 27.35 7.68
N THR C 33 31.01 27.43 7.80
CA THR C 33 31.71 26.47 8.66
C THR C 33 31.41 26.76 10.11
N ALA C 34 31.30 28.03 10.47
CA ALA C 34 30.97 28.36 11.85
C ALA C 34 29.48 28.24 12.11
N LEU C 35 28.67 28.71 11.18
CA LEU C 35 27.23 28.77 11.39
C LEU C 35 26.46 27.54 11.03
N GLY C 36 27.06 26.71 10.18
CA GLY C 36 26.39 25.53 9.70
C GLY C 36 25.54 25.84 8.49
N HIS C 37 24.57 24.99 8.25
CA HIS C 37 23.68 25.13 7.12
C HIS C 37 22.92 26.44 7.16
N LEU C 38 22.85 27.15 6.05
CA LEU C 38 22.17 28.41 6.10
C LEU C 38 21.06 28.49 5.09
N VAL C 39 19.84 28.74 5.55
CA VAL C 39 18.76 28.92 4.61
C VAL C 39 18.26 30.34 4.77
N PHE C 40 18.42 31.08 3.67
CA PHE C 40 18.18 32.53 3.56
C PHE C 40 17.02 32.86 2.68
N SER C 41 16.06 33.65 3.19
CA SER C 41 14.88 34.11 2.43
C SER C 41 14.94 35.60 2.29
N LEU C 42 14.61 36.10 1.12
CA LEU C 42 14.57 37.56 0.93
C LEU C 42 13.36 38.00 0.08
N LYS C 43 12.87 39.20 0.36
CA LYS C 43 11.73 39.77 -0.31
C LYS C 43 11.98 41.26 -0.56
N TYR C 44 11.67 41.72 -1.77
CA TYR C 44 11.82 43.13 -2.13
C TYR C 44 10.44 43.75 -2.12
N ASP C 45 10.30 44.90 -1.46
CA ASP C 45 8.99 45.51 -1.31
C ASP C 45 9.01 47.02 -1.46
N VAL C 46 7.86 47.57 -1.87
CA VAL C 46 7.73 49.01 -2.07
C VAL C 46 6.47 49.64 -1.41
N ILE C 47 6.72 50.69 -0.63
CA ILE C 47 5.68 51.54 -0.01
C ILE C 47 6.16 52.95 -0.35
N GLY C 48 5.31 53.76 -1.00
CA GLY C 48 5.69 55.11 -1.39
C GLY C 48 6.88 54.99 -2.34
N ASP C 49 7.91 55.81 -2.16
CA ASP C 49 9.12 55.62 -2.96
C ASP C 49 10.26 55.02 -2.09
N GLN C 50 9.91 54.68 -0.84
CA GLN C 50 10.84 54.00 0.06
C GLN C 50 10.83 52.48 -0.17
N GLU C 51 11.77 52.03 -0.98
CA GLU C 51 11.95 50.61 -1.26
C GLU C 51 12.48 50.00 0.02
N HIS C 52 11.98 48.81 0.37
CA HIS C 52 12.45 48.07 1.54
C HIS C 52 12.85 46.65 1.15
N LEU C 53 13.55 45.99 2.05
CA LEU C 53 14.04 44.65 1.83
C LEU C 53 13.94 43.89 3.15
N ARG C 54 13.29 42.74 3.11
CA ARG C 54 13.04 42.00 4.33
C ARG C 54 13.69 40.61 4.31
N LEU C 55 14.48 40.32 5.35
CA LEU C 55 15.32 39.13 5.36
C LEU C 55 15.09 38.11 6.47
N LEU C 56 15.17 36.82 6.15
CA LEU C 56 15.05 35.76 7.15
C LEU C 56 16.16 34.79 6.94
N LEU C 57 17.21 34.85 7.75
CA LEU C 57 18.31 33.93 7.55
C LEU C 57 18.26 32.90 8.65
N ARG C 58 18.14 31.62 8.28
CA ARG C 58 18.09 30.51 9.23
C ARG C 58 19.46 29.84 9.43
N THR C 59 19.90 29.69 10.68
CA THR C 59 21.12 28.94 11.06
C THR C 59 20.76 27.94 12.13
N LYS C 60 21.51 26.87 12.25
CA LYS C 60 21.13 25.80 13.19
C LYS C 60 20.70 26.22 14.57
N CYS C 61 21.01 27.45 14.98
CA CYS C 61 20.61 27.92 16.30
C CYS C 61 19.39 28.75 16.26
N ARG C 62 19.49 29.87 15.55
CA ARG C 62 18.42 30.84 15.55
C ARG C 62 18.00 31.26 14.17
N THR C 63 16.91 32.03 14.10
CA THR C 63 16.57 32.70 12.87
C THR C 63 16.76 34.20 13.12
N TYR C 64 17.21 34.88 12.08
CA TYR C 64 17.46 36.30 12.16
C TYR C 64 16.54 36.99 11.19
N HIS C 65 16.05 38.14 11.63
CA HIS C 65 15.07 38.86 10.90
C HIS C 65 15.32 40.35 10.82
N ASP C 66 14.95 40.96 9.72
CA ASP C 66 15.10 42.39 9.68
C ASP C 66 14.42 42.93 8.45
N VAL C 67 14.18 44.23 8.48
CA VAL C 67 13.65 44.93 7.34
C VAL C 67 14.62 46.08 7.14
N ILE C 68 15.33 46.04 6.02
CA ILE C 68 16.29 47.07 5.68
C ILE C 68 15.71 47.95 4.58
N PRO C 69 15.61 49.26 4.84
CA PRO C 69 15.15 50.22 3.83
C PRO C 69 16.14 50.38 2.67
N ILE C 70 15.62 50.80 1.51
CA ILE C 70 16.37 51.05 0.26
C ILE C 70 17.32 49.90 -0.15
N THR C 74 22.25 54.30 -3.59
CA THR C 74 22.71 52.95 -3.23
C THR C 74 22.59 52.00 -4.42
N GLU C 75 23.48 51.00 -4.46
CA GLU C 75 23.44 49.96 -5.48
C GLU C 75 22.73 48.77 -4.84
N PHE C 76 22.04 47.95 -5.63
CA PHE C 76 21.30 46.80 -5.09
C PHE C 76 22.23 45.74 -4.50
N PRO C 77 22.16 45.53 -3.20
CA PRO C 77 23.11 44.65 -2.51
C PRO C 77 23.08 43.20 -2.99
N ASN C 78 24.24 42.55 -3.04
CA ASN C 78 24.30 41.14 -3.44
C ASN C 78 23.80 40.24 -2.29
N VAL C 79 23.36 39.03 -2.63
CA VAL C 79 22.76 38.16 -1.62
C VAL C 79 23.67 37.94 -0.42
N VAL C 80 24.98 37.92 -0.66
CA VAL C 80 25.96 37.76 0.41
C VAL C 80 25.98 39.00 1.35
N GLN C 81 25.82 40.19 0.77
CA GLN C 81 25.81 41.41 1.58
C GLN C 81 24.50 41.44 2.35
N MET C 82 23.43 41.06 1.67
CA MET C 82 22.13 41.01 2.31
C MET C 82 22.21 40.09 3.53
N ALA C 83 22.78 38.90 3.33
CA ALA C 83 22.97 37.97 4.43
C ALA C 83 23.70 38.67 5.56
N LYS C 84 24.77 39.35 5.20
CA LYS C 84 25.60 40.04 6.16
C LYS C 84 24.85 41.19 6.87
N LEU C 85 23.72 41.61 6.34
CA LEU C 85 22.96 42.64 7.02
C LEU C 85 22.01 42.04 8.07
N VAL C 86 21.60 40.78 7.91
CA VAL C 86 20.76 40.15 8.92
C VAL C 86 21.61 39.51 9.98
N CYS C 87 22.73 38.92 9.54
CA CYS C 87 23.64 38.16 10.41
C CYS C 87 25.09 38.38 10.04
N GLU C 88 25.75 39.25 10.82
CA GLU C 88 27.12 39.70 10.59
C GLU C 88 28.21 38.58 10.53
N ASP C 89 27.95 37.46 11.21
CA ASP C 89 28.88 36.33 11.29
C ASP C 89 28.93 35.47 10.04
N VAL C 90 27.99 35.68 9.14
CA VAL C 90 27.99 34.90 7.90
C VAL C 90 29.31 35.20 7.21
N ASN C 91 30.08 34.15 6.96
CA ASN C 91 31.36 34.30 6.27
C ASN C 91 31.42 33.20 5.24
N VAL C 92 30.94 33.53 4.03
CA VAL C 92 30.71 32.54 3.00
C VAL C 92 31.00 33.14 1.63
N ASP C 93 31.69 32.39 0.75
CA ASP C 93 32.08 32.89 -0.58
C ASP C 93 30.85 33.36 -1.32
N ARG C 94 29.82 32.51 -1.35
CA ARG C 94 28.57 32.77 -2.08
C ARG C 94 27.41 31.91 -1.63
N PHE C 95 26.18 32.33 -1.95
CA PHE C 95 24.99 31.53 -1.66
C PHE C 95 24.60 30.82 -2.96
N TYR C 96 23.71 29.84 -2.88
CA TYR C 96 23.19 29.14 -4.08
C TYR C 96 21.67 29.25 -4.03
N PRO C 97 21.03 29.38 -5.17
CA PRO C 97 19.59 29.68 -5.19
C PRO C 97 18.60 28.51 -5.26
N VAL C 98 17.63 28.56 -4.37
CA VAL C 98 16.54 27.61 -4.30
C VAL C 98 15.65 27.87 -5.53
N LEU C 99 15.75 26.97 -6.50
CA LEU C 99 15.00 27.11 -7.75
C LEU C 99 13.88 26.07 -7.81
N TYR C 100 13.47 25.64 -6.63
CA TYR C 100 12.50 24.58 -6.53
C TYR C 100 11.11 25.08 -6.19
N PRO C 101 10.18 24.80 -7.09
CA PRO C 101 8.78 25.22 -6.98
C PRO C 101 8.12 25.05 -5.61
N LYS C 102 8.45 24.02 -4.82
CA LYS C 102 7.73 23.80 -3.55
C LYS C 102 8.63 24.00 -2.31
N ALA C 103 9.77 24.64 -2.53
CA ALA C 103 10.68 24.96 -1.47
C ALA C 103 9.86 25.69 -0.42
N SER C 104 9.16 26.73 -0.85
CA SER C 104 8.32 27.55 0.03
C SER C 104 7.43 26.73 0.98
N ARG C 105 6.70 25.74 0.47
CA ARG C 105 5.84 24.92 1.33
C ARG C 105 6.66 24.24 2.43
N LEU C 106 7.83 23.69 2.07
CA LEU C 106 8.73 23.07 3.03
C LEU C 106 9.31 24.09 3.99
N ILE C 107 9.70 25.25 3.47
CA ILE C 107 10.29 26.28 4.31
C ILE C 107 9.35 26.81 5.44
N VAL C 108 8.06 26.95 5.14
CA VAL C 108 7.10 27.44 6.12
C VAL C 108 6.87 26.35 7.16
N THR C 109 6.82 25.10 6.69
CA THR C 109 6.66 23.97 7.60
C THR C 109 7.76 24.02 8.66
N PHE C 110 9.01 24.31 8.23
CA PHE C 110 10.19 24.38 9.11
C PHE C 110 10.08 25.52 10.10
N ASP C 111 10.00 26.76 9.59
CA ASP C 111 9.87 27.91 10.44
C ASP C 111 8.83 27.65 11.51
N GLU C 112 7.74 27.00 11.14
CA GLU C 112 6.62 26.76 12.05
C GLU C 112 6.65 25.43 12.85
N HIS C 113 7.76 24.69 12.76
CA HIS C 113 7.88 23.43 13.49
C HIS C 113 7.87 23.76 14.93
N VAL C 114 8.00 25.04 15.22
CA VAL C 114 8.08 25.48 16.59
C VAL C 114 6.76 25.91 17.16
N ILE C 115 5.73 26.08 16.34
CA ILE C 115 4.41 26.48 16.83
C ILE C 115 3.71 25.16 17.07
N SER C 116 3.08 25.00 18.23
CA SER C 116 2.44 23.71 18.49
C SER C 116 0.93 23.80 18.34
N ASN C 117 0.29 22.71 17.91
CA ASN C 117 -1.16 22.74 17.75
C ASN C 117 -1.95 21.89 18.73
N ASN C 118 -1.25 21.21 19.62
CA ASN C 118 -1.89 20.39 20.60
C ASN C 118 -1.26 20.66 21.93
N PHE C 119 -2.10 20.91 22.90
CA PHE C 119 -1.59 21.02 24.23
C PHE C 119 -2.31 20.00 25.08
N LYS C 120 -1.65 19.60 26.17
CA LYS C 120 -2.24 18.70 27.12
C LYS C 120 -1.85 19.24 28.48
N PHE C 121 -2.81 19.47 29.33
CA PHE C 121 -2.54 20.11 30.61
C PHE C 121 -3.09 19.25 31.72
N GLY C 122 -2.49 19.29 32.89
CA GLY C 122 -3.10 18.54 33.98
C GLY C 122 -4.11 19.43 34.71
N VAL C 123 -4.95 18.81 35.53
CA VAL C 123 -5.87 19.56 36.38
C VAL C 123 -5.94 18.85 37.74
N ILE C 124 -5.20 19.39 38.71
CA ILE C 124 -5.14 18.84 40.03
C ILE C 124 -6.12 19.56 40.93
N TYR C 125 -6.92 18.78 41.67
CA TYR C 125 -7.79 19.38 42.66
C TYR C 125 -7.09 19.28 44.02
N GLN C 126 -6.91 20.44 44.67
CA GLN C 126 -6.26 20.48 45.98
C GLN C 126 -7.20 20.86 47.11
N LYS C 127 -7.29 19.98 48.09
CA LYS C 127 -8.12 20.09 49.30
C LYS C 127 -7.49 21.03 50.33
N LEU C 128 -8.28 21.50 51.30
CA LEU C 128 -7.67 22.30 52.36
C LEU C 128 -6.67 21.42 53.15
N GLY C 129 -5.46 21.96 53.30
CA GLY C 129 -4.40 21.31 54.05
C GLY C 129 -3.75 20.16 53.31
N GLN C 130 -3.90 20.15 51.99
CA GLN C 130 -3.30 19.11 51.19
C GLN C 130 -1.89 19.59 50.88
N THR C 131 -0.89 18.76 51.17
CA THR C 131 0.48 19.18 50.93
C THR C 131 1.38 18.12 50.34
N SER C 132 0.94 16.89 50.34
CA SER C 132 1.76 15.89 49.75
C SER C 132 1.18 15.54 48.43
N GLU C 133 2.01 14.99 47.56
CA GLU C 133 1.56 14.45 46.29
C GLU C 133 0.45 13.44 46.54
N GLU C 134 0.61 12.66 47.59
CA GLU C 134 -0.37 11.67 47.89
C GLU C 134 -1.77 12.28 48.07
N GLU C 135 -1.94 13.27 48.95
CA GLU C 135 -3.24 13.90 49.14
C GLU C 135 -3.61 14.64 47.86
N LEU C 136 -2.62 15.25 47.25
CA LEU C 136 -2.82 15.95 46.03
C LEU C 136 -3.44 15.10 44.87
N PHE C 137 -3.11 13.82 44.72
CA PHE C 137 -3.71 13.03 43.64
C PHE C 137 -4.77 12.08 44.14
N SER C 138 -4.88 11.94 45.45
CA SER C 138 -5.86 11.03 46.01
C SER C 138 -7.09 11.81 46.42
N THR C 139 -7.82 12.34 45.44
CA THR C 139 -9.09 13.01 45.71
C THR C 139 -10.08 12.22 44.88
N ASN C 140 -11.31 12.03 45.38
CA ASN C 140 -12.29 11.19 44.69
C ASN C 140 -13.59 11.81 44.15
N GLU C 141 -14.39 12.42 45.03
CA GLU C 141 -15.57 13.11 44.56
C GLU C 141 -15.05 14.39 43.90
N GLU C 142 -15.91 15.11 43.18
CA GLU C 142 -15.55 16.37 42.56
C GLU C 142 -16.50 17.36 43.19
N SER C 143 -16.00 18.36 43.91
CA SER C 143 -16.92 19.35 44.52
C SER C 143 -17.73 20.13 43.47
N PRO C 144 -18.96 20.54 43.78
CA PRO C 144 -19.73 21.36 42.84
C PRO C 144 -18.89 22.45 42.16
N ALA C 145 -18.14 23.26 42.91
CA ALA C 145 -17.31 24.30 42.34
C ALA C 145 -16.33 23.75 41.29
N PHE C 146 -15.72 22.61 41.61
CA PHE C 146 -14.81 21.95 40.72
C PHE C 146 -15.57 21.51 39.46
N VAL C 147 -16.77 20.99 39.62
CA VAL C 147 -17.56 20.58 38.47
C VAL C 147 -17.87 21.79 37.61
N GLU C 148 -18.20 22.92 38.25
CA GLU C 148 -18.50 24.20 37.60
C GLU C 148 -17.28 24.71 36.81
N PHE C 149 -16.13 24.77 37.47
CA PHE C 149 -14.91 25.25 36.82
C PHE C 149 -14.52 24.32 35.66
N LEU C 150 -14.59 23.00 35.86
CA LEU C 150 -14.30 22.04 34.81
C LEU C 150 -15.27 22.26 33.64
N GLU C 151 -16.53 22.48 33.94
CA GLU C 151 -17.51 22.67 32.86
C GLU C 151 -17.26 23.99 32.15
N PHE C 152 -16.33 24.74 32.71
CA PHE C 152 -15.96 26.07 32.24
C PHE C 152 -14.66 25.99 31.48
N LEU C 153 -13.86 24.99 31.84
CA LEU C 153 -12.55 24.81 31.25
C LEU C 153 -12.65 24.33 29.82
N GLY C 154 -13.51 23.35 29.56
CA GLY C 154 -13.64 22.77 28.24
C GLY C 154 -14.84 21.88 28.28
N GLN C 155 -15.11 21.26 27.15
CA GLN C 155 -16.21 20.33 27.02
C GLN C 155 -15.89 18.95 27.61
N LYS C 156 -16.88 18.37 28.28
CA LYS C 156 -16.74 17.05 28.89
C LYS C 156 -16.90 16.06 27.78
N VAL C 157 -15.96 15.14 27.69
CA VAL C 157 -15.92 14.27 26.54
C VAL C 157 -15.63 12.83 26.92
N LYS C 158 -16.29 11.89 26.26
CA LYS C 158 -16.05 10.46 26.51
C LYS C 158 -14.81 10.03 25.75
N LEU C 159 -14.02 9.15 26.34
CA LEU C 159 -12.79 8.71 25.72
C LEU C 159 -12.97 7.59 24.67
N GLN C 160 -13.99 6.75 24.84
CA GLN C 160 -14.14 5.57 23.99
C GLN C 160 -13.83 5.74 22.52
N ASP C 161 -14.66 6.33 21.70
CA ASP C 161 -14.13 6.40 20.31
C ASP C 161 -13.65 7.79 19.90
N PHE C 162 -13.00 8.44 20.86
CA PHE C 162 -12.67 9.82 20.69
C PHE C 162 -11.76 10.06 19.48
N LYS C 163 -12.17 10.99 18.64
CA LYS C 163 -11.43 11.21 17.42
C LYS C 163 -10.52 12.40 17.52
N GLY C 164 -10.73 13.32 18.45
CA GLY C 164 -9.86 14.48 18.59
C GLY C 164 -8.50 14.13 19.19
N PHE C 165 -7.67 15.14 19.42
CA PHE C 165 -6.37 14.92 20.04
C PHE C 165 -6.57 14.28 21.39
N ARG C 166 -5.98 13.11 21.62
CA ARG C 166 -6.19 12.37 22.87
C ARG C 166 -5.25 12.67 24.01
N GLY C 167 -4.16 13.39 23.74
CA GLY C 167 -3.22 13.72 24.78
C GLY C 167 -2.66 12.57 25.59
N GLY C 168 -2.40 11.42 24.96
CA GLY C 168 -1.85 10.28 25.67
C GLY C 168 -2.90 9.38 26.28
N LEU C 169 -4.13 9.90 26.43
CA LEU C 169 -5.21 9.14 27.01
C LEU C 169 -5.73 8.03 26.11
N ASP C 170 -6.22 6.95 26.72
CA ASP C 170 -6.62 5.72 26.03
C ASP C 170 -8.00 5.88 25.41
N VAL C 171 -8.05 5.68 24.11
CA VAL C 171 -9.26 5.97 23.37
C VAL C 171 -9.77 4.72 22.69
N THR C 172 -9.34 3.56 23.17
CA THR C 172 -9.70 2.30 22.54
C THR C 172 -9.90 1.15 23.50
N HIS C 173 -9.15 1.11 24.61
CA HIS C 173 -9.33 0.01 25.58
C HIS C 173 -9.84 0.33 27.02
N GLY C 174 -10.21 1.57 27.30
CA GLY C 174 -10.79 1.95 28.58
C GLY C 174 -9.90 2.05 29.80
N GLN C 175 -8.61 2.24 29.57
CA GLN C 175 -7.64 2.17 30.65
C GLN C 175 -7.24 3.46 31.32
N THR C 176 -7.80 4.58 30.87
CA THR C 176 -7.49 5.85 31.49
C THR C 176 -8.72 6.69 31.85
N GLY C 177 -9.77 6.02 32.30
CA GLY C 177 -10.95 6.73 32.74
C GLY C 177 -11.98 6.63 31.64
N THR C 178 -13.17 7.17 31.86
CA THR C 178 -14.15 7.05 30.79
C THR C 178 -14.46 8.40 30.22
N GLU C 179 -14.07 9.46 30.96
CA GLU C 179 -14.22 10.84 30.49
C GLU C 179 -13.00 11.67 30.77
N SER C 180 -12.88 12.77 30.07
CA SER C 180 -11.84 13.75 30.28
C SER C 180 -12.45 15.05 29.84
N VAL C 181 -11.72 16.14 30.02
CA VAL C 181 -12.20 17.47 29.62
C VAL C 181 -11.32 17.89 28.42
N TYR C 182 -11.96 18.43 27.38
CA TYR C 182 -11.27 18.78 26.16
C TYR C 182 -11.94 19.93 25.45
N CYS C 183 -11.14 20.71 24.76
CA CYS C 183 -11.71 21.78 24.00
C CYS C 183 -10.78 22.20 22.89
N ASN C 184 -11.35 23.01 22.00
CA ASN C 184 -10.69 23.53 20.83
C ASN C 184 -10.39 24.98 21.12
N PHE C 185 -9.19 25.46 20.83
CA PHE C 185 -8.96 26.83 21.23
C PHE C 185 -8.93 27.77 20.05
N ARG C 186 -7.77 27.99 19.47
CA ARG C 186 -7.85 28.84 18.30
C ARG C 186 -7.90 27.80 17.19
N ASN C 187 -6.79 27.34 16.68
CA ASN C 187 -6.96 26.13 15.90
C ASN C 187 -6.14 25.09 16.56
N LYS C 188 -6.24 25.10 17.88
CA LYS C 188 -5.47 24.19 18.68
C LYS C 188 -6.41 23.18 19.36
N GLU C 189 -5.86 22.05 19.77
CA GLU C 189 -6.62 21.06 20.50
C GLU C 189 -6.03 20.97 21.90
N ILE C 190 -6.87 20.95 22.91
CA ILE C 190 -6.39 20.89 24.28
C ILE C 190 -7.03 19.72 25.04
N MET C 191 -6.25 18.73 25.44
CA MET C 191 -6.80 17.65 26.27
C MET C 191 -6.32 17.90 27.70
N PHE C 192 -7.24 17.77 28.65
CA PHE C 192 -6.90 17.99 30.03
C PHE C 192 -6.85 16.65 30.72
N HIS C 193 -5.88 16.45 31.63
CA HIS C 193 -5.82 15.23 32.45
C HIS C 193 -6.39 15.67 33.78
N VAL C 194 -7.65 15.34 34.00
CA VAL C 194 -8.31 15.79 35.19
C VAL C 194 -8.09 14.69 36.20
N SER C 195 -7.53 15.04 37.36
CA SER C 195 -7.16 14.01 38.34
C SER C 195 -8.32 13.10 38.79
N THR C 196 -9.46 13.69 39.08
CA THR C 196 -10.60 12.92 39.54
C THR C 196 -11.19 12.04 38.43
N LYS C 197 -10.83 12.37 37.19
CA LYS C 197 -11.35 11.67 36.07
C LYS C 197 -10.53 10.46 35.73
N LEU C 198 -9.25 10.47 36.09
CA LEU C 198 -8.39 9.32 35.84
C LEU C 198 -8.50 8.26 36.95
N PRO C 199 -8.19 7.00 36.64
CA PRO C 199 -8.43 5.89 37.58
C PRO C 199 -7.86 6.07 38.98
N TYR C 200 -8.67 5.71 39.99
CA TYR C 200 -8.27 5.71 41.39
C TYR C 200 -7.76 4.34 41.66
N THR C 201 -6.63 4.21 42.35
CA THR C 201 -6.10 2.89 42.69
C THR C 201 -6.09 2.71 44.18
N GLU C 202 -6.42 1.51 44.63
CA GLU C 202 -6.39 1.26 46.06
C GLU C 202 -5.08 0.58 46.49
N GLY C 203 -4.48 1.13 47.55
CA GLY C 203 -3.22 0.65 48.10
C GLY C 203 -2.12 1.60 47.67
N ASP C 204 -2.27 2.07 46.43
CA ASP C 204 -1.36 3.00 45.79
C ASP C 204 -1.69 4.43 46.20
N ALA C 205 -1.00 4.89 47.22
CA ALA C 205 -1.12 6.23 47.73
C ALA C 205 -0.56 7.19 46.70
N GLN C 206 0.46 6.72 45.99
CA GLN C 206 1.18 7.46 44.98
C GLN C 206 0.32 7.70 43.76
N GLN C 207 -0.68 6.86 43.53
CA GLN C 207 -1.62 7.06 42.41
C GLN C 207 -0.98 7.13 41.02
N LEU C 208 -0.19 6.11 40.67
CA LEU C 208 0.51 6.06 39.38
C LEU C 208 -0.40 6.30 38.19
N GLN C 209 -1.52 5.62 38.10
CA GLN C 209 -2.49 5.84 37.03
C GLN C 209 -2.86 7.29 36.81
N ARG C 210 -2.72 8.13 37.82
CA ARG C 210 -3.00 9.57 37.67
C ARG C 210 -1.70 10.30 37.48
N LYS C 211 -0.76 10.07 38.39
CA LYS C 211 0.53 10.74 38.31
C LYS C 211 1.17 10.57 36.97
N ARG C 212 0.94 9.42 36.38
CA ARG C 212 1.56 9.04 35.13
C ARG C 212 1.17 9.98 34.01
N HIS C 213 -0.03 10.57 34.07
CA HIS C 213 -0.41 11.53 33.06
C HIS C 213 -0.10 12.96 33.49
N ILE C 214 -0.48 13.34 34.70
CA ILE C 214 -0.22 14.70 35.11
C ILE C 214 1.30 14.96 35.20
N GLY C 215 2.02 14.04 35.82
CA GLY C 215 3.45 14.19 36.01
C GLY C 215 4.18 14.33 34.69
N ASN C 216 3.47 14.03 33.60
CA ASN C 216 4.06 14.12 32.26
C ASN C 216 3.73 15.37 31.50
N ASP C 217 2.88 16.22 32.07
CA ASP C 217 2.60 17.51 31.47
C ASP C 217 3.65 18.56 31.91
N ILE C 218 3.73 19.67 31.19
CA ILE C 218 4.69 20.71 31.47
C ILE C 218 3.99 21.77 32.28
N VAL C 219 2.67 21.88 32.13
CA VAL C 219 1.85 22.86 32.84
C VAL C 219 0.59 22.23 33.42
N ALA C 220 0.26 22.55 34.66
CA ALA C 220 -1.01 22.05 35.21
C ALA C 220 -1.83 23.18 35.84
N VAL C 221 -3.13 22.98 35.97
CA VAL C 221 -4.02 23.92 36.67
C VAL C 221 -4.22 23.31 38.05
N VAL C 222 -4.20 24.12 39.10
CA VAL C 222 -4.51 23.61 40.46
C VAL C 222 -5.78 24.29 40.96
N PHE C 223 -6.83 23.50 41.10
CA PHE C 223 -8.09 24.05 41.59
C PHE C 223 -8.22 23.88 43.09
N GLN C 224 -8.62 24.98 43.72
CA GLN C 224 -8.80 24.99 45.15
C GLN C 224 -10.20 25.44 45.48
N ASP C 225 -10.80 24.85 46.50
CA ASP C 225 -12.10 25.31 46.95
C ASP C 225 -11.88 26.32 48.06
N GLU C 226 -10.65 26.33 48.56
CA GLU C 226 -10.24 27.06 49.74
C GLU C 226 -8.74 27.41 49.63
N ASN C 227 -8.36 28.45 50.35
CA ASN C 227 -7.04 29.06 50.26
C ASN C 227 -5.68 28.34 50.45
N THR C 228 -5.61 27.01 50.63
CA THR C 228 -4.27 26.34 50.78
C THR C 228 -3.07 26.83 49.96
N PRO C 229 -1.89 26.84 50.56
CA PRO C 229 -0.66 27.13 49.79
C PRO C 229 -0.29 25.91 48.93
N PHE C 230 0.38 26.19 47.82
CA PHE C 230 0.82 25.18 46.86
C PHE C 230 2.08 25.70 46.19
N VAL C 231 3.17 25.01 46.41
CA VAL C 231 4.43 25.38 45.78
C VAL C 231 4.77 24.15 44.88
N PRO C 232 5.42 24.33 43.73
CA PRO C 232 5.75 23.19 42.85
C PRO C 232 6.60 22.14 43.57
N ASP C 233 7.39 22.58 44.53
CA ASP C 233 8.17 21.62 45.27
C ASP C 233 7.31 20.49 45.85
N MET C 234 5.99 20.63 45.77
CA MET C 234 5.06 19.64 46.30
C MET C 234 4.86 18.45 45.37
N ILE C 235 5.27 18.57 44.12
CA ILE C 235 5.03 17.49 43.19
C ILE C 235 6.33 17.11 42.51
N ALA C 236 6.74 15.85 42.67
CA ALA C 236 8.01 15.41 42.06
C ALA C 236 7.83 15.03 40.59
N SER C 237 8.26 15.90 39.68
CA SER C 237 8.03 15.57 38.30
C SER C 237 9.15 16.01 37.42
N ASN C 238 9.47 15.18 36.43
CA ASN C 238 10.53 15.54 35.48
C ASN C 238 10.07 16.59 34.48
N PHE C 239 8.76 16.72 34.35
CA PHE C 239 8.16 17.58 33.33
C PHE C 239 7.46 18.85 33.77
N LEU C 240 6.65 18.79 34.83
CA LEU C 240 5.87 19.94 35.33
C LEU C 240 6.78 21.10 35.66
N HIS C 241 6.46 22.26 35.09
CA HIS C 241 7.28 23.45 35.30
C HIS C 241 6.49 24.69 35.69
N ALA C 242 5.20 24.72 35.40
CA ALA C 242 4.38 25.87 35.79
C ALA C 242 2.99 25.47 36.22
N TYR C 243 2.39 26.28 37.07
CA TYR C 243 1.05 26.04 37.52
C TYR C 243 0.25 27.33 37.55
N VAL C 244 -1.04 27.20 37.26
CA VAL C 244 -1.94 28.34 37.38
C VAL C 244 -2.88 27.88 38.43
N VAL C 245 -2.90 28.60 39.56
CA VAL C 245 -3.74 28.23 40.71
C VAL C 245 -5.02 29.03 40.70
N VAL C 246 -6.15 28.32 40.61
CA VAL C 246 -7.47 28.96 40.54
C VAL C 246 -8.28 28.66 41.78
N GLN C 247 -8.81 29.68 42.42
CA GLN C 247 -9.54 29.47 43.65
C GLN C 247 -10.95 30.06 43.68
N ALA C 248 -11.91 29.23 44.03
CA ALA C 248 -13.31 29.62 44.07
C ALA C 248 -13.72 30.24 45.41
N GLU C 249 -14.19 31.50 45.44
CA GLU C 249 -14.63 32.18 46.69
C GLU C 249 -16.15 32.24 46.90
N PRO C 256 -19.40 32.41 41.91
CA PRO C 256 -17.97 32.32 42.27
C PRO C 256 -17.13 33.47 41.73
N LEU C 257 -16.11 33.81 42.50
CA LEU C 257 -15.16 34.83 42.12
C LEU C 257 -13.84 34.10 42.17
N TYR C 258 -13.34 33.72 41.02
CA TYR C 258 -12.11 32.93 40.94
C TYR C 258 -10.84 33.76 41.23
N LYS C 259 -10.03 33.30 42.18
CA LYS C 259 -8.79 33.98 42.62
C LYS C 259 -7.63 33.27 41.94
N VAL C 260 -6.78 34.00 41.22
CA VAL C 260 -5.75 33.33 40.39
C VAL C 260 -4.26 33.58 40.72
N SER C 261 -3.46 32.52 40.81
CA SER C 261 -2.05 32.67 41.07
C SER C 261 -1.30 31.93 40.00
N VAL C 262 0.01 32.14 39.97
CA VAL C 262 0.93 31.46 39.09
C VAL C 262 2.20 31.08 39.88
N THR C 263 2.60 29.81 39.84
CA THR C 263 3.93 29.38 40.35
C THR C 263 4.58 28.53 39.28
N ALA C 264 5.87 28.82 39.07
CA ALA C 264 6.66 28.10 38.10
C ALA C 264 8.06 27.96 38.68
N ARG C 265 8.92 27.10 38.13
CA ARG C 265 10.29 26.97 38.64
C ARG C 265 11.15 28.19 38.31
N ASP C 266 12.32 28.36 38.97
CA ASP C 266 13.26 29.48 38.72
C ASP C 266 13.61 29.65 37.23
N ASP C 267 13.81 28.48 36.62
CA ASP C 267 14.01 28.18 35.22
C ASP C 267 13.09 28.88 34.20
N VAL C 268 11.86 29.25 34.59
CA VAL C 268 10.90 29.71 33.59
C VAL C 268 10.55 31.21 33.57
N PRO C 269 10.82 31.86 32.44
CA PRO C 269 10.63 33.30 32.29
C PRO C 269 9.15 33.70 32.38
N PHE C 270 8.87 34.97 32.66
CA PHE C 270 7.49 35.45 32.72
C PHE C 270 6.71 35.05 31.48
N PHE C 271 5.41 34.83 31.60
CA PHE C 271 4.61 34.48 30.43
C PHE C 271 3.20 35.09 30.38
N GLY C 272 2.44 34.60 29.40
CA GLY C 272 0.99 34.75 29.26
C GLY C 272 0.57 36.14 29.48
N PRO C 273 -0.72 36.41 29.42
CA PRO C 273 -1.22 37.78 29.62
C PRO C 273 -1.08 38.23 31.07
N PRO C 274 -0.66 39.47 31.27
CA PRO C 274 -0.62 40.08 32.60
C PRO C 274 -1.84 39.79 33.49
N LEU C 275 -1.62 39.53 34.76
CA LEU C 275 -2.72 39.36 35.69
C LEU C 275 -3.22 40.75 36.09
N PRO C 276 -4.50 40.89 36.39
CA PRO C 276 -5.01 42.17 36.90
C PRO C 276 -4.56 42.38 38.33
N ASP C 277 -4.75 43.55 38.92
CA ASP C 277 -4.32 43.73 40.31
C ASP C 277 -5.42 43.47 41.28
N PRO C 278 -6.58 44.10 41.13
CA PRO C 278 -7.75 43.53 41.76
C PRO C 278 -7.44 42.01 41.73
N ALA C 279 -6.92 41.44 40.61
CA ALA C 279 -6.43 40.04 40.47
C ALA C 279 -7.34 38.79 40.57
N VAL C 280 -8.60 38.95 40.22
CA VAL C 280 -9.55 37.88 40.31
C VAL C 280 -10.38 37.96 39.05
N PHE C 281 -11.02 36.85 38.71
CA PHE C 281 -11.94 36.88 37.59
C PHE C 281 -13.22 36.25 38.01
N ARG C 282 -14.32 36.76 37.47
CA ARG C 282 -15.61 36.11 37.69
C ARG C 282 -15.71 35.12 36.52
N LYS C 283 -16.64 34.19 36.61
CA LYS C 283 -16.80 33.15 35.57
C LYS C 283 -17.38 33.75 34.29
N GLY C 284 -16.86 33.34 33.13
CA GLY C 284 -17.36 33.83 31.85
C GLY C 284 -16.32 33.79 30.72
N PRO C 285 -16.67 34.32 29.56
CA PRO C 285 -15.76 34.34 28.40
C PRO C 285 -14.43 35.01 28.65
N GLU C 286 -14.39 36.19 29.28
CA GLU C 286 -13.10 36.87 29.55
C GLU C 286 -12.13 35.99 30.31
N PHE C 287 -12.60 35.30 31.33
CA PHE C 287 -11.72 34.48 32.14
C PHE C 287 -11.21 33.28 31.34
N GLN C 288 -12.10 32.68 30.56
CA GLN C 288 -11.79 31.53 29.70
C GLN C 288 -10.65 31.81 28.73
N GLU C 289 -10.65 33.00 28.12
CA GLU C 289 -9.61 33.40 27.19
C GLU C 289 -8.34 33.62 27.99
N PHE C 290 -8.44 34.25 29.16
CA PHE C 290 -7.22 34.45 29.95
C PHE C 290 -6.57 33.09 30.32
N LEU C 291 -7.36 32.24 30.95
CA LEU C 291 -6.90 30.97 31.42
C LEU C 291 -6.25 30.14 30.34
N LEU C 292 -6.96 29.98 29.21
CA LEU C 292 -6.43 29.13 28.12
C LEU C 292 -5.14 29.70 27.51
N THR C 293 -5.12 31.02 27.25
CA THR C 293 -3.89 31.58 26.72
C THR C 293 -2.76 31.51 27.74
N LYS C 294 -3.08 31.72 29.03
CA LYS C 294 -2.06 31.65 30.09
C LYS C 294 -1.39 30.26 30.09
N LEU C 295 -2.19 29.20 30.09
CA LEU C 295 -1.65 27.86 30.03
C LEU C 295 -0.76 27.62 28.79
N ILE C 296 -1.21 28.03 27.62
CA ILE C 296 -0.46 27.80 26.40
C ILE C 296 0.84 28.56 26.51
N ASN C 297 0.73 29.85 26.80
CA ASN C 297 1.92 30.67 27.02
C ASN C 297 2.88 30.10 28.08
N ALA C 298 2.34 29.42 29.10
CA ALA C 298 3.16 28.86 30.19
C ALA C 298 3.97 27.75 29.58
N GLU C 299 3.31 26.93 28.77
CA GLU C 299 4.04 25.88 28.11
C GLU C 299 5.13 26.53 27.25
N TYR C 300 4.84 27.63 26.54
CA TYR C 300 5.90 28.22 25.72
C TYR C 300 7.05 28.75 26.59
N ALA C 301 6.72 29.36 27.72
CA ALA C 301 7.74 29.88 28.63
C ALA C 301 8.58 28.75 29.20
N CYS C 302 7.94 27.63 29.52
CA CYS C 302 8.67 26.51 30.06
C CYS C 302 9.64 25.93 29.08
N TYR C 303 9.33 26.01 27.81
CA TYR C 303 10.29 25.46 26.86
C TYR C 303 11.62 26.21 26.87
N LYS C 304 11.68 27.40 27.49
CA LYS C 304 12.97 28.13 27.57
C LYS C 304 13.84 27.65 28.75
N ALA C 305 13.25 26.83 29.63
CA ALA C 305 13.95 26.25 30.77
C ALA C 305 15.03 25.33 30.23
N GLU C 306 15.99 24.94 31.07
CA GLU C 306 17.12 24.14 30.61
C GLU C 306 16.79 22.67 30.34
N LYS C 307 15.81 22.10 31.02
CA LYS C 307 15.49 20.71 30.74
C LYS C 307 15.13 20.55 29.28
N PHE C 308 14.45 21.53 28.70
CA PHE C 308 14.00 21.42 27.30
C PHE C 308 14.88 22.10 26.29
N ALA C 309 15.74 23.01 26.72
CA ALA C 309 16.53 23.79 25.76
C ALA C 309 17.35 22.95 24.78
N LYS C 310 18.21 22.07 25.29
CA LYS C 310 19.01 21.22 24.41
C LYS C 310 18.19 20.34 23.45
N LEU C 311 17.08 19.78 23.89
CA LEU C 311 16.22 19.02 23.01
C LEU C 311 15.71 19.90 21.87
N GLU C 312 15.18 21.07 22.22
CA GLU C 312 14.64 22.01 21.22
C GLU C 312 15.71 22.27 20.15
N GLU C 313 16.93 22.52 20.62
CA GLU C 313 18.06 22.87 19.82
C GLU C 313 18.54 21.76 18.89
N ARG C 314 18.38 20.53 19.36
CA ARG C 314 18.81 19.33 18.66
C ARG C 314 17.89 19.08 17.47
N THR C 315 16.63 19.38 17.67
CA THR C 315 15.60 19.18 16.67
C THR C 315 15.74 20.19 15.54
N ARG C 316 15.91 21.45 15.91
CA ARG C 316 16.12 22.49 14.94
C ARG C 316 17.29 22.08 14.06
N ALA C 317 18.38 21.65 14.68
CA ALA C 317 19.56 21.23 13.93
C ALA C 317 19.18 20.15 12.92
N ALA C 318 18.52 19.08 13.36
CA ALA C 318 18.19 17.98 12.46
C ALA C 318 17.22 18.35 11.33
N LEU C 319 16.30 19.27 11.60
CA LEU C 319 15.31 19.60 10.62
C LEU C 319 15.95 20.44 9.54
N LEU C 320 16.69 21.47 9.97
CA LEU C 320 17.37 22.38 9.06
C LEU C 320 18.32 21.67 8.10
N GLU C 321 19.03 20.65 8.61
CA GLU C 321 19.96 19.89 7.78
C GLU C 321 19.13 19.11 6.78
N THR C 322 18.02 18.57 7.24
CA THR C 322 17.16 17.82 6.34
C THR C 322 16.62 18.77 5.27
N LEU C 323 16.29 19.98 5.69
CA LEU C 323 15.76 20.99 4.79
C LEU C 323 16.80 21.33 3.73
N TYR C 324 17.94 21.88 4.15
CA TYR C 324 19.01 22.24 3.24
C TYR C 324 19.16 21.11 2.22
N GLU C 325 19.32 19.89 2.73
CA GLU C 325 19.44 18.67 1.92
C GLU C 325 18.51 18.70 0.73
N GLU C 326 17.22 18.87 1.04
CA GLU C 326 16.16 18.90 0.07
C GLU C 326 16.37 19.99 -0.97
N LEU C 327 16.43 21.24 -0.52
CA LEU C 327 16.64 22.34 -1.42
C LEU C 327 17.87 22.08 -2.30
N HIS C 328 18.96 21.62 -1.69
CA HIS C 328 20.18 21.32 -2.45
C HIS C 328 19.93 20.17 -3.43
N ILE C 329 18.99 19.29 -3.10
CA ILE C 329 18.68 18.16 -3.99
C ILE C 329 17.78 18.57 -5.16
N HIS C 330 16.65 19.21 -4.83
CA HIS C 330 15.66 19.63 -5.81
C HIS C 330 16.11 20.80 -6.67
N SER C 331 16.70 21.82 -6.03
CA SER C 331 17.20 22.98 -6.75
C SER C 331 18.14 22.58 -7.90
N GLN C 332 18.94 21.53 -7.66
CA GLN C 332 19.88 21.00 -8.65
C GLN C 332 19.19 20.16 -9.73
N SER C 333 18.12 19.48 -9.33
CA SER C 333 17.33 18.63 -10.23
C SER C 333 16.56 19.51 -11.20
N MET C 334 16.59 20.81 -10.92
CA MET C 334 15.94 21.82 -11.74
C MET C 334 16.90 22.39 -12.75
N MET C 335 18.20 22.29 -12.43
CA MET C 335 19.26 22.80 -13.29
C MET C 335 20.09 21.67 -13.92
N TYR D 16 0.70 36.79 -17.63
CA TYR D 16 1.92 37.07 -16.82
C TYR D 16 1.81 38.34 -15.99
N ARG D 17 0.60 38.87 -15.87
CA ARG D 17 0.32 40.07 -15.10
C ARG D 17 -0.84 39.82 -14.15
N LYS D 18 -1.70 38.86 -14.54
CA LYS D 18 -2.85 38.49 -13.74
C LYS D 18 -2.59 37.19 -12.98
N HIS D 19 -2.15 36.16 -13.70
CA HIS D 19 -1.86 34.84 -13.15
C HIS D 19 -0.40 34.76 -12.65
N PHE D 20 0.55 34.72 -13.58
CA PHE D 20 1.96 34.57 -13.24
C PHE D 20 2.69 35.88 -12.92
N LEU D 21 2.07 36.73 -12.07
CA LEU D 21 2.69 38.01 -11.72
C LEU D 21 3.28 38.04 -10.33
N GLY D 22 2.98 39.11 -9.57
CA GLY D 22 3.56 39.33 -8.26
C GLY D 22 3.21 38.46 -7.07
N LYS D 23 3.21 37.13 -7.27
CA LYS D 23 2.88 36.22 -6.18
C LYS D 23 3.94 35.12 -5.99
N GLU D 24 3.93 34.02 -6.75
CA GLU D 24 4.99 33.01 -6.55
C GLU D 24 5.43 32.34 -7.85
N HIS D 25 6.52 32.84 -8.44
CA HIS D 25 7.01 32.35 -9.73
C HIS D 25 8.51 32.46 -9.90
N PHE D 26 9.02 31.75 -10.91
CA PHE D 26 10.44 31.80 -11.25
C PHE D 26 10.63 32.32 -12.68
N ASN D 27 11.73 33.04 -12.90
CA ASN D 27 12.06 33.59 -14.20
C ASN D 27 13.45 33.14 -14.62
N TYR D 28 13.57 32.70 -15.88
CA TYR D 28 14.85 32.22 -16.40
C TYR D 28 15.25 32.92 -17.73
N TYR D 29 16.54 32.90 -18.04
CA TYR D 29 17.04 33.48 -19.28
C TYR D 29 17.24 32.36 -20.31
N VAL D 39 13.35 33.91 -22.85
CA VAL D 39 13.07 34.25 -21.46
C VAL D 39 11.82 33.51 -20.94
N PHE D 40 12.05 32.38 -20.26
CA PHE D 40 11.00 31.50 -19.74
C PHE D 40 10.43 31.92 -18.38
N SER D 41 9.12 31.83 -18.23
CA SER D 41 8.44 32.21 -16.98
C SER D 41 7.50 31.11 -16.53
N LEU D 42 7.90 30.41 -15.46
CA LEU D 42 7.12 29.30 -14.91
C LEU D 42 6.54 29.61 -13.55
N LYS D 43 5.52 28.86 -13.16
CA LYS D 43 4.84 29.06 -11.88
C LYS D 43 4.05 27.82 -11.45
N TYR D 44 4.21 27.43 -10.18
CA TYR D 44 3.47 26.29 -9.61
C TYR D 44 2.61 26.79 -8.44
N ASP D 45 1.31 26.49 -8.47
CA ASP D 45 0.39 26.87 -7.39
C ASP D 45 -1.00 26.21 -7.50
N VAL D 46 -1.53 25.74 -6.36
CA VAL D 46 -2.85 25.11 -6.30
C VAL D 46 -3.63 25.49 -5.03
N HIS D 52 -0.83 23.38 -11.03
CA HIS D 52 -0.48 23.12 -12.43
C HIS D 52 0.61 24.09 -12.91
N LEU D 53 1.59 23.53 -13.62
CA LEU D 53 2.72 24.29 -14.13
C LEU D 53 2.41 25.26 -15.29
N ARG D 54 1.91 26.46 -14.99
CA ARG D 54 1.69 27.47 -16.04
C ARG D 54 3.06 27.77 -16.63
N LEU D 55 3.13 28.18 -17.90
CA LEU D 55 4.42 28.46 -18.54
C LEU D 55 4.39 29.52 -19.63
N LEU D 56 5.41 30.38 -19.65
CA LEU D 56 5.52 31.45 -20.64
C LEU D 56 6.95 31.66 -21.15
N LEU D 57 7.26 31.01 -22.27
CA LEU D 57 8.57 31.10 -22.91
C LEU D 57 8.64 32.24 -23.94
N PRO D 77 9.55 16.47 -13.51
CA PRO D 77 9.60 17.26 -14.74
C PRO D 77 10.47 18.49 -14.52
N ASN D 78 11.68 18.46 -15.08
CA ASN D 78 12.64 19.55 -14.91
C ASN D 78 12.28 20.87 -15.63
N VAL D 79 13.27 21.72 -15.87
CA VAL D 79 13.03 23.02 -16.51
C VAL D 79 12.81 22.99 -18.06
N VAL D 80 13.14 21.87 -18.70
CA VAL D 80 12.96 21.72 -20.14
C VAL D 80 11.54 21.23 -20.44
N ARG D 94 21.46 24.24 -20.78
CA ARG D 94 21.31 24.83 -19.46
C ARG D 94 20.97 26.31 -19.52
N PHE D 95 19.89 26.69 -18.83
CA PHE D 95 19.44 28.08 -18.77
C PHE D 95 19.79 28.72 -17.42
N TYR D 96 19.94 30.05 -17.39
CA TYR D 96 20.31 30.80 -16.17
C TYR D 96 19.09 31.27 -15.38
N PRO D 97 19.19 31.34 -14.05
CA PRO D 97 18.08 31.83 -13.22
C PRO D 97 18.10 33.34 -13.06
N VAL D 98 16.91 33.95 -12.98
CA VAL D 98 16.82 35.40 -12.76
C VAL D 98 16.77 35.66 -11.26
N LEU D 99 17.85 36.26 -10.77
CA LEU D 99 18.04 36.51 -9.35
C LEU D 99 17.91 37.98 -8.99
N TYR D 100 17.42 38.76 -9.94
CA TYR D 100 17.23 40.20 -9.78
C TYR D 100 15.83 40.51 -9.19
N PRO D 101 15.78 40.89 -7.90
CA PRO D 101 14.50 41.15 -7.23
C PRO D 101 13.61 42.15 -7.95
N LYS D 102 14.20 42.98 -8.79
CA LYS D 102 13.45 43.97 -9.52
C LYS D 102 13.01 43.44 -10.87
N ALA D 103 13.70 42.41 -11.37
CA ALA D 103 13.44 41.82 -12.69
C ALA D 103 11.96 41.53 -13.02
N SER D 104 11.14 41.36 -12.00
CA SER D 104 9.70 41.11 -12.16
C SER D 104 9.01 42.31 -12.82
N ARG D 105 9.24 43.50 -12.27
CA ARG D 105 8.69 44.74 -12.80
C ARG D 105 9.22 45.01 -14.21
N LEU D 106 10.44 44.53 -14.49
CA LEU D 106 11.06 44.69 -15.80
C LEU D 106 10.53 43.66 -16.79
N ILE D 107 10.07 42.52 -16.28
CA ILE D 107 9.49 41.46 -17.11
C ILE D 107 8.04 41.77 -17.49
N VAL D 108 7.44 42.73 -16.78
CA VAL D 108 6.05 43.15 -17.05
C VAL D 108 6.00 44.34 -18.06
N THR D 109 7.11 45.06 -18.23
CA THR D 109 7.19 46.15 -19.21
C THR D 109 7.15 45.53 -20.59
N PHE D 110 8.07 44.60 -20.86
CA PHE D 110 8.15 43.91 -22.15
C PHE D 110 6.95 42.98 -22.41
N ASP D 111 5.98 43.01 -21.49
CA ASP D 111 4.75 42.21 -21.57
C ASP D 111 3.54 43.14 -21.79
N GLU D 112 3.72 44.43 -21.49
CA GLU D 112 2.64 45.42 -21.67
C GLU D 112 2.76 46.19 -23.00
N GLU D 321 13.55 41.87 -25.66
CA GLU D 321 14.71 42.39 -26.37
C GLU D 321 15.85 42.80 -25.42
N THR D 322 15.74 44.00 -24.86
CA THR D 322 16.76 44.58 -23.98
C THR D 322 16.63 44.05 -22.53
N LEU D 323 16.02 42.88 -22.43
CA LEU D 323 15.79 42.23 -21.16
C LEU D 323 16.98 41.36 -20.77
N TYR D 324 17.49 40.56 -21.71
CA TYR D 324 18.61 39.64 -21.46
C TYR D 324 19.80 40.24 -20.69
N GLU D 325 20.44 41.26 -21.28
CA GLU D 325 21.60 41.92 -20.67
C GLU D 325 21.27 42.67 -19.37
N GLU D 326 20.11 43.35 -19.35
CA GLU D 326 19.66 44.06 -18.15
C GLU D 326 19.51 43.05 -17.02
N LEU D 327 18.87 41.93 -17.32
CA LEU D 327 18.70 40.86 -16.33
C LEU D 327 20.06 40.39 -15.83
N HIS D 328 20.82 39.80 -16.74
CA HIS D 328 22.09 39.17 -16.41
C HIS D 328 23.23 40.01 -15.81
N ILE D 329 23.55 41.17 -16.38
CA ILE D 329 24.63 41.97 -15.82
C ILE D 329 24.55 42.07 -14.27
N HIS D 330 23.33 42.22 -13.74
CA HIS D 330 23.19 42.26 -12.27
C HIS D 330 22.63 40.98 -11.64
N SER D 331 21.91 40.18 -12.43
CA SER D 331 21.44 38.89 -11.95
C SER D 331 22.65 37.99 -11.81
N GLN D 332 23.81 38.55 -12.13
CA GLN D 332 25.10 37.89 -11.98
C GLN D 332 25.88 38.65 -10.93
N SER D 333 25.66 39.96 -10.84
CA SER D 333 26.32 40.78 -9.83
C SER D 333 25.67 40.50 -8.48
N MET D 334 24.53 39.83 -8.55
CA MET D 334 23.80 39.39 -7.38
C MET D 334 24.57 38.22 -6.76
N MET D 335 25.51 37.68 -7.54
CA MET D 335 26.35 36.55 -7.14
C MET D 335 27.83 36.89 -7.19
S SO4 E . -12.33 -26.58 -26.38
O1 SO4 E . -12.84 -25.35 -27.03
O2 SO4 E . -11.22 -26.19 -25.51
O3 SO4 E . -13.39 -27.33 -25.72
O4 SO4 E . -11.76 -27.54 -27.29
C1 MPD F . -11.02 -19.38 -37.55
C2 MPD F . -9.60 -18.76 -37.50
O2 MPD F . -9.36 -18.37 -36.11
CM MPD F . -8.60 -19.87 -37.90
C3 MPD F . -9.38 -17.50 -38.37
C4 MPD F . -10.34 -16.30 -38.14
O4 MPD F . -10.40 -15.91 -36.77
C5 MPD F . -10.01 -15.10 -39.03
S SO4 G . -2.34 32.57 17.19
O1 SO4 G . -1.93 33.13 15.89
O2 SO4 G . -2.43 33.55 18.29
O3 SO4 G . -3.66 31.92 17.12
O4 SO4 G . -1.30 31.59 17.55
C1 MPD H . 7.47 23.45 20.41
C2 MPD H . 7.71 21.96 20.06
O2 MPD H . 7.85 21.19 21.30
CM MPD H . 6.48 21.36 19.36
C3 MPD H . 8.96 21.77 19.13
C4 MPD H . 10.42 21.95 19.67
O4 MPD H . 10.56 23.03 20.56
C5 MPD H . 11.02 20.68 20.32
#